data_8QH4
#
_entry.id   8QH4
#
_cell.length_a   63.527
_cell.length_b   116.619
_cell.length_c   190.010
_cell.angle_alpha   90.000
_cell.angle_beta   90.000
_cell.angle_gamma   90.000
#
_symmetry.space_group_name_H-M   'P 21 21 21'
#
loop_
_entity.id
_entity.type
_entity.pdbx_description
1 polymer 'NADH-quinone oxidoreductase subunit E'
2 polymer 'NADH-quinone oxidoreductase subunit F'
3 non-polymer 'FE2/S2 (INORGANIC) CLUSTER'
4 non-polymer 'SULFATE ION'
5 non-polymer 'IRON/SULFUR CLUSTER'
6 non-polymer 1-DEOXY-1-(7,8-DIMETHYL-2,4-DIOXO-3,4-DIHYDRO-2H-BENZO[G]PTERIDIN-1-ID-10(5H)-YL)-5-O-PHOSPHONATO-D-RIBITOL
7 non-polymer '3-ACETYLPYRIDINE ADENINE DINUCLEOTIDE'
8 non-polymer GLYCEROL
9 non-polymer 'SODIUM ION'
10 non-polymer 'POTASSIUM ION'
11 water water
#
loop_
_entity_poly.entity_id
_entity_poly.type
_entity_poly.pdbx_seq_one_letter_code
_entity_poly.pdbx_strand_id
1 'polypeptide(L)'
;MFKTEFEFPEELKTKLQEHINYFPKKRQAILLCLHEIQNYYGYIPPESLKPLADMLELPLNHVEGVVAFYDMFDREDKAK
YRIRVCVSIVCHLMGTNKLLKALENILGIKPGEVTPDGKFKIVPVQCLGACSEAPVFMVNDDEYKFESEVQLNEILSRYT
;
A,C
2 'polypeptide(L)'
;MRSYPAIPRIYAETTLNMLLKRAKKPRVHSIDEYLKDGGYQALEKALNMSPEEIIDWVDKSTLRGRGGAGFPTGKKWKFA
VQNPGPRYFICNADESEPGTFKDRIIIERDPHLLIEGIIISSYAIGANEAYIYIRGEYPAGYYILRDAIEEAKKKGFLGK
NILGSGFDLEIYVARGAGAYICGEETALIESLEGKRGHPRLKPPYPVQKGLWGKPTVVNNVETIANVPFIISMGWEEYRY
IGPSDYAGPKLFPVSGKVKKPGVYELPMNTTLREVIFKYAGGTLGNKKVKAVFSGALDCFSSEELDIPMDYSPLGFGGTG
TVIVLTEEDDIVEAALKIAEFYEHETCGQCTPCRVGCYEQANLLEKIYKGEATEQDWEGFDFVNRNIQPTSICGLGAVAG
RLIRQTLEKFPEEWEKYRKKSASLPLAGHHHHHH
;
B,D
#
# COMPACT_ATOMS: atom_id res chain seq x y z
N GLU A 5 5.27 21.37 -39.22
CA GLU A 5 5.80 21.36 -37.83
C GLU A 5 5.23 20.17 -37.06
N PHE A 6 6.13 19.41 -36.40
CA PHE A 6 5.73 18.15 -35.78
C PHE A 6 5.32 18.37 -34.32
N GLU A 7 4.05 18.00 -34.04
CA GLU A 7 3.47 18.10 -32.71
C GLU A 7 2.90 16.74 -32.31
N PHE A 8 3.22 16.31 -31.09
CA PHE A 8 2.63 15.12 -30.51
C PHE A 8 1.13 15.33 -30.33
N PRO A 9 0.24 14.41 -30.77
CA PRO A 9 -1.17 14.47 -30.38
C PRO A 9 -1.30 14.61 -28.87
N GLU A 10 -2.28 15.40 -28.43
CA GLU A 10 -2.38 15.86 -27.05
C GLU A 10 -2.32 14.69 -26.08
N GLU A 11 -3.04 13.61 -26.40
CA GLU A 11 -3.16 12.47 -25.51
C GLU A 11 -1.80 11.80 -25.30
N LEU A 12 -0.91 11.87 -26.31
CA LEU A 12 0.45 11.37 -26.15
C LEU A 12 1.28 12.35 -25.33
N LYS A 13 1.20 13.64 -25.67
CA LYS A 13 1.94 14.68 -24.95
C LYS A 13 1.67 14.58 -23.46
N THR A 14 0.40 14.33 -23.10
CA THR A 14 -0.04 14.20 -21.72
C THR A 14 0.74 13.08 -21.02
N LYS A 15 0.81 11.90 -21.65
CA LYS A 15 1.49 10.75 -21.07
C LYS A 15 2.99 11.00 -20.97
N LEU A 16 3.56 11.60 -22.03
CA LEU A 16 4.96 11.96 -22.05
C LEU A 16 5.27 12.85 -20.85
N GLN A 17 4.39 13.82 -20.59
CA GLN A 17 4.59 14.79 -19.54
C GLN A 17 4.52 14.12 -18.15
N GLU A 18 3.70 13.06 -18.02
CA GLU A 18 3.60 12.30 -16.78
C GLU A 18 4.93 11.66 -16.44
N HIS A 19 5.55 10.99 -17.42
CA HIS A 19 6.83 10.34 -17.26
C HIS A 19 7.90 11.36 -16.85
N ILE A 20 7.87 12.52 -17.50
CA ILE A 20 8.86 13.56 -17.29
C ILE A 20 8.74 14.13 -15.87
N ASN A 21 7.52 14.15 -15.32
CA ASN A 21 7.29 14.63 -13.97
C ASN A 21 7.52 13.54 -12.92
N TYR A 22 7.69 12.28 -13.35
CA TYR A 22 7.70 11.12 -12.46
C TYR A 22 8.98 11.06 -11.65
N PHE A 23 10.13 11.12 -12.33
CA PHE A 23 11.42 11.05 -11.67
C PHE A 23 11.81 12.43 -11.14
N PRO A 24 12.77 12.50 -10.20
CA PRO A 24 13.29 13.80 -9.74
C PRO A 24 13.90 14.70 -10.80
N LYS A 25 14.52 14.12 -11.85
CA LYS A 25 15.09 14.91 -12.95
C LYS A 25 14.43 14.53 -14.27
N LYS A 26 14.18 15.53 -15.11
CA LYS A 26 13.43 15.31 -16.33
C LYS A 26 14.10 14.26 -17.23
N ARG A 27 15.43 14.33 -17.34
CA ARG A 27 16.14 13.56 -18.33
C ARG A 27 16.11 12.06 -18.05
N GLN A 28 15.76 11.66 -16.81
CA GLN A 28 15.68 10.26 -16.44
C GLN A 28 14.48 9.56 -17.11
N ALA A 29 13.54 10.35 -17.65
CA ALA A 29 12.33 9.82 -18.26
C ALA A 29 12.51 9.47 -19.74
N ILE A 30 13.75 9.59 -20.27
CA ILE A 30 13.99 9.45 -21.70
C ILE A 30 13.50 8.10 -22.23
N LEU A 31 13.84 6.99 -21.58
CA LEU A 31 13.46 5.68 -22.11
C LEU A 31 11.95 5.42 -22.00
N LEU A 32 11.32 5.88 -20.91
CA LEU A 32 9.88 5.73 -20.75
C LEU A 32 9.14 6.50 -21.84
N CYS A 33 9.63 7.70 -22.17
CA CYS A 33 9.08 8.52 -23.24
C CYS A 33 9.21 7.83 -24.59
N LEU A 34 10.38 7.26 -24.89
CA LEU A 34 10.62 6.56 -26.15
C LEU A 34 9.73 5.31 -26.28
N HIS A 35 9.59 4.53 -25.20
CA HIS A 35 8.64 3.42 -25.17
C HIS A 35 7.24 3.92 -25.55
N GLU A 36 6.83 5.02 -24.92
CA GLU A 36 5.50 5.57 -25.12
C GLU A 36 5.32 6.00 -26.56
N ILE A 37 6.37 6.62 -27.13
CA ILE A 37 6.34 7.07 -28.52
C ILE A 37 6.19 5.86 -29.44
N GLN A 38 6.96 4.79 -29.18
CA GLN A 38 6.93 3.60 -30.03
C GLN A 38 5.58 2.90 -29.89
N ASN A 39 4.99 2.94 -28.69
CA ASN A 39 3.69 2.35 -28.48
C ASN A 39 2.65 3.07 -29.35
N TYR A 40 2.75 4.41 -29.42
CA TYR A 40 1.75 5.22 -30.11
C TYR A 40 1.85 5.08 -31.62
N TYR A 41 3.06 5.13 -32.17
CA TYR A 41 3.24 5.26 -33.61
C TYR A 41 3.51 3.91 -34.28
N GLY A 42 3.87 2.90 -33.49
CA GLY A 42 4.33 1.62 -34.00
C GLY A 42 5.81 1.62 -34.38
N TYR A 43 6.48 2.74 -34.05
CA TYR A 43 7.91 2.94 -34.26
C TYR A 43 8.29 4.31 -33.68
N ILE A 44 9.57 4.67 -33.76
CA ILE A 44 10.02 6.01 -33.41
C ILE A 44 10.10 6.84 -34.69
N PRO A 45 9.17 7.77 -34.97
CA PRO A 45 9.34 8.71 -36.08
C PRO A 45 10.55 9.62 -35.86
N PRO A 46 11.50 9.70 -36.82
CA PRO A 46 12.63 10.63 -36.71
C PRO A 46 12.27 12.05 -36.28
N GLU A 47 11.11 12.54 -36.74
CA GLU A 47 10.68 13.91 -36.51
C GLU A 47 10.26 14.12 -35.05
N SER A 48 9.86 13.03 -34.37
CA SER A 48 9.41 13.10 -32.99
C SER A 48 10.56 13.49 -32.05
N LEU A 49 11.81 13.20 -32.46
CA LEU A 49 12.94 13.22 -31.53
C LEU A 49 13.27 14.65 -31.11
N LYS A 50 13.02 15.61 -32.02
CA LYS A 50 13.32 16.99 -31.72
C LYS A 50 12.44 17.44 -30.51
N PRO A 51 11.09 17.33 -30.65
CA PRO A 51 10.16 17.80 -29.60
C PRO A 51 10.39 17.11 -28.26
N LEU A 52 10.79 15.83 -28.31
CA LEU A 52 11.08 15.09 -27.10
C LEU A 52 12.31 15.68 -26.40
N ALA A 53 13.35 15.97 -27.18
CA ALA A 53 14.55 16.61 -26.66
C ALA A 53 14.18 17.90 -25.91
N ASP A 54 13.31 18.71 -26.51
CA ASP A 54 12.89 19.97 -25.92
C ASP A 54 12.24 19.71 -24.56
N MET A 55 11.38 18.69 -24.48
CA MET A 55 10.64 18.39 -23.26
C MET A 55 11.57 17.81 -22.20
N LEU A 56 12.63 17.11 -22.62
CA LEU A 56 13.60 16.55 -21.68
C LEU A 56 14.69 17.56 -21.33
N GLU A 57 14.74 18.68 -22.07
CA GLU A 57 15.81 19.67 -21.94
C GLU A 57 17.15 19.00 -22.18
N LEU A 58 17.19 18.15 -23.22
CA LEU A 58 18.42 17.51 -23.69
C LEU A 58 18.71 17.99 -25.10
N PRO A 59 19.98 17.98 -25.56
CA PRO A 59 20.28 18.17 -26.98
C PRO A 59 19.69 17.06 -27.86
N LEU A 60 19.36 17.39 -29.11
CA LEU A 60 18.82 16.40 -30.03
C LEU A 60 19.82 15.25 -30.22
N ASN A 61 21.13 15.55 -30.31
CA ASN A 61 22.08 14.49 -30.62
C ASN A 61 22.20 13.50 -29.46
N HIS A 62 21.92 13.94 -28.22
CA HIS A 62 21.90 13.05 -27.07
C HIS A 62 20.75 12.05 -27.23
N VAL A 63 19.58 12.55 -27.65
CA VAL A 63 18.39 11.74 -27.78
C VAL A 63 18.61 10.74 -28.93
N GLU A 64 19.11 11.23 -30.06
CA GLU A 64 19.37 10.38 -31.21
C GLU A 64 20.30 9.23 -30.80
N GLY A 65 21.36 9.56 -30.05
CA GLY A 65 22.33 8.56 -29.62
C GLY A 65 21.68 7.48 -28.76
N VAL A 66 20.71 7.89 -27.94
CA VAL A 66 20.06 6.99 -27.01
C VAL A 66 19.15 6.03 -27.79
N VAL A 67 18.36 6.57 -28.72
CA VAL A 67 17.53 5.73 -29.58
C VAL A 67 18.39 4.70 -30.32
N ALA A 68 19.56 5.13 -30.81
CA ALA A 68 20.44 4.28 -31.60
C ALA A 68 21.00 3.14 -30.73
N PHE A 69 21.24 3.43 -29.45
CA PHE A 69 21.91 2.49 -28.55
C PHE A 69 21.02 1.32 -28.16
N TYR A 70 19.73 1.58 -27.94
CA TYR A 70 18.83 0.65 -27.28
C TYR A 70 18.02 -0.11 -28.31
N ASP A 71 18.15 -1.44 -28.30
CA ASP A 71 17.73 -2.27 -29.43
C ASP A 71 16.21 -2.39 -29.53
N MET A 72 15.46 -2.08 -28.47
CA MET A 72 14.02 -2.23 -28.50
C MET A 72 13.41 -1.20 -29.44
N PHE A 73 14.11 -0.07 -29.62
CA PHE A 73 13.60 1.03 -30.43
C PHE A 73 13.92 0.80 -31.90
N ASP A 74 12.97 1.24 -32.74
CA ASP A 74 12.96 0.99 -34.17
C ASP A 74 12.52 2.28 -34.86
N ARG A 75 13.42 2.85 -35.67
CA ARG A 75 13.15 4.05 -36.45
C ARG A 75 12.80 3.71 -37.90
N GLU A 76 13.03 2.46 -38.32
CA GLU A 76 12.82 2.07 -39.71
C GLU A 76 11.36 1.73 -39.97
N ASP A 77 10.83 0.71 -39.28
CA ASP A 77 9.61 0.05 -39.72
C ASP A 77 8.47 0.29 -38.73
N LYS A 78 7.36 0.81 -39.26
CA LYS A 78 6.09 0.86 -38.56
C LYS A 78 5.48 -0.54 -38.55
N ALA A 79 5.09 -1.02 -37.35
CA ALA A 79 4.34 -2.26 -37.24
C ALA A 79 3.38 -2.17 -36.06
N LYS A 80 2.13 -2.62 -36.28
CA LYS A 80 1.14 -2.62 -35.22
C LYS A 80 1.57 -3.58 -34.12
N TYR A 81 2.01 -4.79 -34.50
CA TYR A 81 2.43 -5.80 -33.54
C TYR A 81 3.86 -6.26 -33.83
N ARG A 82 4.72 -6.22 -32.81
CA ARG A 82 6.08 -6.75 -32.92
C ARG A 82 6.11 -8.16 -32.31
N ILE A 83 6.38 -9.15 -33.17
CA ILE A 83 6.60 -10.51 -32.75
C ILE A 83 8.08 -10.65 -32.43
N ARG A 84 8.43 -10.57 -31.14
CA ARG A 84 9.81 -10.73 -30.71
C ARG A 84 10.08 -12.22 -30.53
N VAL A 85 11.05 -12.75 -31.28
CA VAL A 85 11.36 -14.16 -31.25
C VAL A 85 12.76 -14.33 -30.68
N CYS A 86 12.86 -15.10 -29.61
CA CYS A 86 14.16 -15.34 -28.99
C CYS A 86 15.00 -16.29 -29.84
N VAL A 87 16.22 -15.86 -30.15
CA VAL A 87 17.15 -16.62 -30.96
C VAL A 87 18.38 -17.01 -30.15
N SER A 88 18.29 -16.90 -28.81
CA SER A 88 19.39 -17.25 -27.93
C SER A 88 19.44 -18.76 -27.67
N ILE A 89 20.44 -19.18 -26.88
CA ILE A 89 20.88 -20.57 -26.78
C ILE A 89 19.72 -21.53 -26.44
N VAL A 90 18.96 -21.28 -25.36
CA VAL A 90 17.98 -22.28 -24.91
C VAL A 90 16.85 -22.41 -25.93
N CYS A 91 16.30 -21.28 -26.35
CA CYS A 91 15.26 -21.33 -27.36
C CYS A 91 15.77 -21.97 -28.65
N HIS A 92 17.03 -21.74 -29.01
CA HIS A 92 17.58 -22.36 -30.20
C HIS A 92 17.59 -23.88 -30.02
N LEU A 93 18.06 -24.35 -28.85
CA LEU A 93 18.09 -25.76 -28.50
C LEU A 93 16.70 -26.40 -28.58
N MET A 94 15.67 -25.66 -28.14
CA MET A 94 14.35 -26.23 -27.90
C MET A 94 13.37 -25.94 -29.03
N GLY A 95 13.74 -25.12 -30.03
CA GLY A 95 13.00 -25.11 -31.31
C GLY A 95 12.64 -23.73 -31.88
N THR A 96 13.50 -22.73 -31.71
CA THR A 96 13.34 -21.43 -32.38
C THR A 96 13.04 -21.62 -33.87
N ASN A 97 13.74 -22.55 -34.55
CA ASN A 97 13.56 -22.69 -36.00
C ASN A 97 12.18 -23.20 -36.35
N LYS A 98 11.58 -24.03 -35.48
CA LYS A 98 10.23 -24.52 -35.68
C LYS A 98 9.23 -23.36 -35.58
N LEU A 99 9.45 -22.46 -34.62
CA LEU A 99 8.66 -21.25 -34.44
C LEU A 99 8.77 -20.31 -35.65
N LEU A 100 9.99 -20.07 -36.14
CA LEU A 100 10.18 -19.19 -37.28
C LEU A 100 9.46 -19.77 -38.50
N LYS A 101 9.53 -21.09 -38.67
CA LYS A 101 8.90 -21.74 -39.80
C LYS A 101 7.37 -21.59 -39.71
N ALA A 102 6.83 -21.77 -38.50
CA ALA A 102 5.41 -21.60 -38.27
C ALA A 102 4.98 -20.16 -38.59
N LEU A 103 5.78 -19.18 -38.15
CA LEU A 103 5.46 -17.78 -38.41
C LEU A 103 5.47 -17.53 -39.92
N GLU A 104 6.42 -18.14 -40.61
CA GLU A 104 6.53 -17.99 -42.05
C GLU A 104 5.31 -18.58 -42.75
N ASN A 105 4.79 -19.70 -42.23
CA ASN A 105 3.64 -20.37 -42.82
C ASN A 105 2.37 -19.55 -42.63
N ILE A 106 2.19 -18.93 -41.46
CA ILE A 106 0.98 -18.18 -41.16
C ILE A 106 1.03 -16.81 -41.83
N LEU A 107 2.16 -16.09 -41.70
CA LEU A 107 2.23 -14.66 -41.99
C LEU A 107 2.93 -14.37 -43.32
N GLY A 108 3.82 -15.28 -43.75
CA GLY A 108 4.53 -15.11 -45.01
C GLY A 108 5.76 -14.20 -44.89
N ILE A 109 6.34 -14.12 -43.69
CA ILE A 109 7.49 -13.25 -43.48
C ILE A 109 8.54 -13.97 -42.64
N LYS A 110 9.79 -13.47 -42.78
CA LYS A 110 10.95 -13.94 -42.07
C LYS A 110 11.39 -12.88 -41.06
N PRO A 111 12.35 -13.19 -40.17
CA PRO A 111 12.90 -12.18 -39.26
C PRO A 111 13.35 -10.92 -39.99
N GLY A 112 13.00 -9.75 -39.43
CA GLY A 112 13.37 -8.47 -40.00
C GLY A 112 12.30 -7.86 -40.89
N GLU A 113 11.32 -8.65 -41.33
CA GLU A 113 10.35 -8.20 -42.32
C GLU A 113 9.00 -7.83 -41.67
N VAL A 114 8.19 -7.07 -42.42
CA VAL A 114 6.87 -6.64 -42.02
C VAL A 114 5.85 -7.16 -43.04
N THR A 115 4.69 -7.64 -42.57
CA THR A 115 3.62 -8.05 -43.47
C THR A 115 3.18 -6.83 -44.29
N PRO A 116 2.64 -7.02 -45.51
CA PRO A 116 2.32 -5.89 -46.39
C PRO A 116 1.28 -4.91 -45.83
N ASP A 117 0.45 -5.39 -44.90
CA ASP A 117 -0.59 -4.58 -44.27
C ASP A 117 -0.04 -3.77 -43.09
N GLY A 118 1.25 -3.93 -42.79
CA GLY A 118 1.90 -3.21 -41.70
C GLY A 118 1.51 -3.74 -40.32
N LYS A 119 0.92 -4.94 -40.27
CA LYS A 119 0.30 -5.45 -39.06
C LYS A 119 1.34 -6.10 -38.15
N PHE A 120 2.19 -6.96 -38.73
CA PHE A 120 3.14 -7.77 -37.97
C PHE A 120 4.56 -7.56 -38.47
N LYS A 121 5.52 -7.36 -37.55
CA LYS A 121 6.93 -7.45 -37.86
C LYS A 121 7.62 -8.46 -36.94
N ILE A 122 8.41 -9.36 -37.53
CA ILE A 122 9.19 -10.33 -36.74
C ILE A 122 10.54 -9.70 -36.37
N VAL A 123 10.81 -9.66 -35.06
CA VAL A 123 12.01 -9.07 -34.50
C VAL A 123 12.80 -10.16 -33.78
N PRO A 124 13.99 -10.58 -34.27
CA PRO A 124 14.83 -11.54 -33.54
C PRO A 124 15.47 -10.86 -32.32
N VAL A 125 15.38 -11.48 -31.14
CA VAL A 125 15.86 -10.83 -29.92
C VAL A 125 16.70 -11.84 -29.14
N GLN A 126 17.49 -11.32 -28.22
CA GLN A 126 18.27 -12.13 -27.30
C GLN A 126 17.35 -12.65 -26.18
N CYS A 127 17.88 -13.58 -25.37
CA CYS A 127 17.17 -14.26 -24.29
C CYS A 127 16.16 -13.34 -23.60
N LEU A 128 14.89 -13.77 -23.57
CA LEU A 128 13.79 -13.01 -22.99
C LEU A 128 13.56 -13.35 -21.52
N GLY A 129 14.43 -14.18 -20.93
CA GLY A 129 14.28 -14.55 -19.53
C GLY A 129 13.03 -15.39 -19.27
N ALA A 130 12.73 -16.34 -20.17
CA ALA A 130 11.67 -17.32 -19.94
C ALA A 130 12.11 -18.69 -20.45
N CYS A 131 13.38 -19.05 -20.16
CA CYS A 131 14.08 -20.08 -20.91
C CYS A 131 13.44 -21.46 -20.68
N SER A 132 12.88 -21.67 -19.47
CA SER A 132 12.17 -22.91 -19.14
C SER A 132 10.96 -23.13 -20.05
N GLU A 133 10.45 -22.06 -20.67
CA GLU A 133 9.29 -22.14 -21.54
C GLU A 133 9.70 -21.98 -23.01
N ALA A 134 10.96 -22.30 -23.32
CA ALA A 134 11.48 -22.19 -24.67
C ALA A 134 10.73 -23.15 -25.61
N PRO A 135 10.56 -22.80 -26.91
CA PRO A 135 11.01 -21.51 -27.46
C PRO A 135 9.98 -20.39 -27.21
N VAL A 136 10.48 -19.19 -26.92
CA VAL A 136 9.70 -18.09 -26.36
C VAL A 136 9.53 -17.00 -27.41
N PHE A 137 8.32 -16.42 -27.48
CA PHE A 137 8.13 -15.20 -28.25
C PHE A 137 7.21 -14.23 -27.51
N MET A 138 7.23 -12.98 -27.98
CA MET A 138 6.35 -11.95 -27.48
C MET A 138 5.53 -11.40 -28.65
N VAL A 139 4.29 -10.99 -28.37
CA VAL A 139 3.51 -10.21 -29.31
C VAL A 139 3.20 -8.90 -28.59
N ASN A 140 3.89 -7.82 -28.99
CA ASN A 140 3.97 -6.62 -28.18
C ASN A 140 4.34 -7.03 -26.77
N ASP A 141 3.50 -6.71 -25.76
CA ASP A 141 3.87 -6.93 -24.36
C ASP A 141 3.55 -8.34 -23.87
N ASP A 142 2.73 -9.08 -24.62
CA ASP A 142 2.31 -10.42 -24.25
C ASP A 142 3.41 -11.41 -24.60
N GLU A 143 3.64 -12.42 -23.74
CA GLU A 143 4.70 -13.38 -23.95
C GLU A 143 4.18 -14.82 -23.82
N TYR A 144 4.70 -15.72 -24.66
CA TYR A 144 4.16 -17.05 -24.83
C TYR A 144 5.27 -18.07 -25.11
N LYS A 145 5.04 -19.29 -24.65
CA LYS A 145 5.73 -20.46 -25.17
C LYS A 145 5.09 -20.86 -26.50
N PHE A 146 5.93 -21.11 -27.52
CA PHE A 146 5.49 -21.74 -28.77
C PHE A 146 5.36 -23.25 -28.56
N GLU A 147 4.17 -23.80 -28.88
CA GLU A 147 3.89 -25.22 -28.81
C GLU A 147 3.86 -25.89 -30.18
N SER A 148 3.20 -25.24 -31.16
CA SER A 148 2.97 -25.82 -32.47
C SER A 148 2.39 -24.75 -33.39
N GLU A 149 2.30 -25.05 -34.68
CA GLU A 149 1.75 -24.07 -35.62
C GLU A 149 0.28 -23.82 -35.33
N VAL A 150 -0.50 -24.87 -35.01
CA VAL A 150 -1.95 -24.69 -34.82
C VAL A 150 -2.18 -23.77 -33.62
N GLN A 151 -1.37 -23.95 -32.57
CA GLN A 151 -1.47 -23.14 -31.36
C GLN A 151 -1.08 -21.69 -31.66
N LEU A 152 0.00 -21.51 -32.41
CA LEU A 152 0.50 -20.18 -32.72
C LEU A 152 -0.55 -19.41 -33.53
N ASN A 153 -1.19 -20.09 -34.49
CA ASN A 153 -2.20 -19.50 -35.34
C ASN A 153 -3.35 -18.96 -34.49
N GLU A 154 -3.76 -19.71 -33.47
CA GLU A 154 -4.83 -19.30 -32.58
C GLU A 154 -4.42 -18.05 -31.79
N ILE A 155 -3.17 -18.03 -31.29
CA ILE A 155 -2.67 -16.90 -30.52
C ILE A 155 -2.70 -15.64 -31.39
N LEU A 156 -2.17 -15.75 -32.63
CA LEU A 156 -2.01 -14.60 -33.51
C LEU A 156 -3.38 -14.07 -33.93
N SER A 157 -4.38 -14.97 -34.01
CA SER A 157 -5.74 -14.61 -34.35
C SER A 157 -6.34 -13.62 -33.35
N ARG A 158 -5.78 -13.52 -32.13
CA ARG A 158 -6.30 -12.60 -31.12
C ARG A 158 -5.83 -11.17 -31.36
N TYR A 159 -4.86 -10.97 -32.26
CA TYR A 159 -4.32 -9.66 -32.54
C TYR A 159 -4.89 -9.17 -33.87
N THR A 160 -5.74 -8.14 -33.80
CA THR A 160 -6.61 -7.79 -34.90
C THR A 160 -6.26 -6.39 -35.43
N ARG B 2 -5.93 -5.05 -11.89
CA ARG B 2 -6.17 -4.74 -13.33
C ARG B 2 -5.65 -5.89 -14.19
N SER B 3 -5.64 -5.68 -15.51
CA SER B 3 -5.20 -6.68 -16.47
C SER B 3 -3.72 -6.48 -16.82
N TYR B 4 -2.90 -7.53 -16.67
CA TYR B 4 -1.49 -7.44 -17.03
C TYR B 4 -1.26 -8.22 -18.33
N PRO B 5 -0.17 -7.94 -19.08
CA PRO B 5 0.19 -8.74 -20.26
C PRO B 5 0.42 -10.21 -19.90
N ALA B 6 0.26 -11.08 -20.90
CA ALA B 6 0.47 -12.50 -20.74
C ALA B 6 1.92 -12.81 -20.38
N ILE B 7 2.09 -13.69 -19.37
CA ILE B 7 3.37 -14.20 -18.91
C ILE B 7 3.29 -15.73 -18.95
N PRO B 8 4.29 -16.45 -19.51
CA PRO B 8 4.30 -17.91 -19.46
C PRO B 8 4.35 -18.35 -17.99
N ARG B 9 3.76 -19.51 -17.71
CA ARG B 9 3.65 -19.99 -16.34
C ARG B 9 4.85 -20.91 -16.04
N ILE B 10 5.95 -20.28 -15.66
CA ILE B 10 7.18 -20.96 -15.33
C ILE B 10 6.95 -21.78 -14.06
N TYR B 11 7.35 -23.05 -14.10
CA TYR B 11 7.25 -23.95 -12.97
C TYR B 11 8.20 -23.50 -11.87
N ALA B 12 7.71 -23.51 -10.61
CA ALA B 12 8.54 -23.16 -9.47
C ALA B 12 8.33 -24.19 -8.36
N GLU B 13 9.40 -24.50 -7.62
CA GLU B 13 9.35 -25.52 -6.58
C GLU B 13 10.37 -25.16 -5.51
N THR B 14 9.99 -25.39 -4.24
CA THR B 14 10.83 -25.01 -3.12
C THR B 14 10.88 -26.11 -2.08
N THR B 15 12.06 -26.30 -1.47
CA THR B 15 12.20 -27.15 -0.29
C THR B 15 12.25 -26.30 0.98
N LEU B 16 12.27 -24.96 0.85
CA LEU B 16 12.51 -24.08 1.99
C LEU B 16 11.32 -23.17 2.30
N ASN B 17 10.46 -22.91 1.30
CA ASN B 17 9.24 -22.15 1.49
C ASN B 17 9.55 -20.74 2.01
N MET B 18 10.49 -20.05 1.34
CA MET B 18 10.86 -18.71 1.73
C MET B 18 10.58 -17.76 0.56
N LEU B 19 11.56 -17.58 -0.33
CA LEU B 19 11.39 -16.72 -1.48
C LEU B 19 10.23 -17.17 -2.38
N LEU B 20 9.96 -18.48 -2.45
CA LEU B 20 8.90 -19.02 -3.30
C LEU B 20 7.66 -19.44 -2.51
N LYS B 21 7.51 -19.01 -1.25
CA LYS B 21 6.35 -19.40 -0.47
C LYS B 21 5.05 -19.03 -1.22
N ARG B 22 5.01 -17.82 -1.81
CA ARG B 22 3.89 -17.41 -2.63
C ARG B 22 4.21 -17.58 -4.12
N ALA B 23 5.45 -17.27 -4.51
CA ALA B 23 5.82 -17.24 -5.92
C ALA B 23 5.89 -18.65 -6.53
N LYS B 24 5.68 -19.69 -5.73
CA LYS B 24 5.54 -21.03 -6.31
C LYS B 24 4.19 -21.15 -7.03
N LYS B 25 3.27 -20.23 -6.78
CA LYS B 25 2.00 -20.21 -7.50
C LYS B 25 2.10 -19.12 -8.57
N PRO B 26 1.78 -19.43 -9.84
CA PRO B 26 2.03 -18.49 -10.95
C PRO B 26 0.95 -17.43 -11.14
N ARG B 27 0.87 -16.50 -10.19
CA ARG B 27 -0.10 -15.41 -10.23
C ARG B 27 0.43 -14.27 -9.35
N VAL B 28 -0.10 -13.08 -9.58
CA VAL B 28 0.22 -11.93 -8.76
C VAL B 28 -0.38 -12.12 -7.38
N HIS B 29 0.45 -11.98 -6.34
CA HIS B 29 -0.02 -11.95 -4.98
C HIS B 29 -0.08 -10.49 -4.53
N SER B 30 -1.28 -9.96 -4.31
CA SER B 30 -1.42 -8.55 -3.95
C SER B 30 -1.23 -8.35 -2.44
N ILE B 31 -1.34 -7.10 -1.97
CA ILE B 31 -0.85 -6.73 -0.66
C ILE B 31 -1.66 -7.42 0.45
N ASP B 32 -2.97 -7.64 0.24
CA ASP B 32 -3.79 -8.28 1.26
C ASP B 32 -3.31 -9.71 1.53
N GLU B 33 -3.01 -10.48 0.47
CA GLU B 33 -2.50 -11.83 0.62
C GLU B 33 -1.11 -11.82 1.27
N TYR B 34 -0.29 -10.84 0.89
CA TYR B 34 1.04 -10.69 1.48
C TYR B 34 0.94 -10.38 2.97
N LEU B 35 0.01 -9.49 3.35
CA LEU B 35 -0.21 -9.11 4.73
C LEU B 35 -0.70 -10.29 5.56
N LYS B 36 -1.55 -11.12 4.96
CA LYS B 36 -2.12 -12.31 5.60
C LYS B 36 -1.01 -13.29 6.00
N ASP B 37 0.10 -13.29 5.24
CA ASP B 37 1.25 -14.15 5.49
C ASP B 37 2.27 -13.46 6.41
N GLY B 38 1.89 -12.33 7.03
CA GLY B 38 2.76 -11.64 7.97
C GLY B 38 3.68 -10.63 7.28
N GLY B 39 3.38 -10.31 6.01
CA GLY B 39 4.18 -9.37 5.24
C GLY B 39 4.25 -8.00 5.91
N TYR B 40 5.40 -7.34 5.74
CA TYR B 40 5.66 -5.97 6.18
C TYR B 40 5.82 -5.89 7.71
N GLN B 41 5.71 -7.01 8.42
CA GLN B 41 6.01 -7.03 9.84
C GLN B 41 7.52 -6.94 10.07
N ALA B 42 8.32 -7.50 9.14
CA ALA B 42 9.77 -7.34 9.18
C ALA B 42 10.14 -5.86 9.05
N LEU B 43 9.50 -5.14 8.11
CA LEU B 43 9.73 -3.71 8.00
C LEU B 43 9.41 -3.02 9.33
N GLU B 44 8.28 -3.35 9.94
CA GLU B 44 7.90 -2.70 11.19
C GLU B 44 8.97 -2.93 12.25
N LYS B 45 9.48 -4.16 12.30
CA LYS B 45 10.52 -4.53 13.24
C LYS B 45 11.81 -3.76 12.92
N ALA B 46 12.16 -3.71 11.63
CA ALA B 46 13.36 -3.00 11.16
C ALA B 46 13.30 -1.54 11.54
N LEU B 47 12.15 -0.88 11.36
CA LEU B 47 12.05 0.54 11.67
C LEU B 47 12.19 0.80 13.17
N ASN B 48 12.10 -0.24 14.01
CA ASN B 48 12.33 -0.09 15.44
C ASN B 48 13.77 -0.43 15.80
N MET B 49 14.61 -0.64 14.78
CA MET B 49 16.03 -0.87 14.97
C MET B 49 16.76 0.33 14.39
N SER B 50 18.05 0.48 14.73
CA SER B 50 18.88 1.48 14.09
C SER B 50 19.36 0.93 12.75
N PRO B 51 19.62 1.81 11.76
CA PRO B 51 20.26 1.38 10.52
C PRO B 51 21.50 0.49 10.72
N GLU B 52 22.32 0.85 11.71
CA GLU B 52 23.58 0.18 11.98
C GLU B 52 23.31 -1.28 12.37
N GLU B 53 22.30 -1.48 13.23
CA GLU B 53 21.89 -2.81 13.64
C GLU B 53 21.48 -3.65 12.44
N ILE B 54 20.69 -3.05 11.54
CA ILE B 54 20.20 -3.77 10.37
C ILE B 54 21.38 -4.19 9.50
N ILE B 55 22.32 -3.27 9.28
CA ILE B 55 23.53 -3.57 8.52
C ILE B 55 24.24 -4.74 9.18
N ASP B 56 24.36 -4.67 10.50
CA ASP B 56 25.07 -5.68 11.26
C ASP B 56 24.44 -7.06 11.06
N TRP B 57 23.09 -7.12 11.10
CA TRP B 57 22.36 -8.37 10.94
C TRP B 57 22.58 -8.94 9.55
N VAL B 58 22.50 -8.07 8.55
CA VAL B 58 22.67 -8.49 7.17
C VAL B 58 24.09 -9.00 6.97
N ASP B 59 25.07 -8.33 7.60
CA ASP B 59 26.45 -8.78 7.57
C ASP B 59 26.55 -10.18 8.18
N LYS B 60 26.06 -10.35 9.41
CA LYS B 60 26.23 -11.61 10.14
C LYS B 60 25.42 -12.76 9.53
N SER B 61 24.42 -12.44 8.71
CA SER B 61 23.64 -13.46 8.01
C SER B 61 24.49 -14.24 7.01
N THR B 62 25.58 -13.59 6.53
CA THR B 62 26.47 -14.09 5.50
C THR B 62 25.87 -13.97 4.10
N LEU B 63 24.74 -13.26 3.95
CA LEU B 63 24.14 -13.05 2.63
C LEU B 63 25.20 -12.49 1.68
N ARG B 64 25.30 -13.13 0.51
CA ARG B 64 26.15 -12.70 -0.58
C ARG B 64 25.26 -12.30 -1.76
N GLY B 65 25.80 -11.44 -2.63
CA GLY B 65 25.07 -10.96 -3.79
C GLY B 65 24.65 -12.11 -4.71
N ARG B 66 23.39 -12.05 -5.18
CA ARG B 66 22.82 -13.08 -6.03
C ARG B 66 22.79 -12.65 -7.50
N GLY B 67 23.49 -11.56 -7.85
CA GLY B 67 23.47 -11.06 -9.22
C GLY B 67 24.59 -11.65 -10.08
N GLY B 68 25.47 -12.45 -9.45
CA GLY B 68 26.50 -13.16 -10.20
C GLY B 68 27.87 -13.16 -9.51
N ALA B 69 28.22 -12.09 -8.78
CA ALA B 69 29.58 -11.92 -8.27
C ALA B 69 29.74 -12.37 -6.83
N GLY B 70 28.63 -12.50 -6.08
CA GLY B 70 28.69 -13.04 -4.73
C GLY B 70 29.38 -12.13 -3.70
N PHE B 71 29.34 -10.81 -3.89
CA PHE B 71 29.94 -9.90 -2.93
C PHE B 71 29.08 -9.89 -1.65
N PRO B 72 29.70 -9.90 -0.45
CA PRO B 72 28.94 -9.91 0.80
C PRO B 72 28.14 -8.62 0.99
N THR B 73 26.82 -8.79 1.18
CA THR B 73 25.86 -7.71 1.04
C THR B 73 26.04 -6.68 2.16
N GLY B 74 26.13 -7.15 3.41
CA GLY B 74 26.29 -6.27 4.56
C GLY B 74 27.54 -5.40 4.42
N LYS B 75 28.63 -6.00 3.93
CA LYS B 75 29.89 -5.29 3.77
C LYS B 75 29.71 -4.19 2.72
N LYS B 76 28.98 -4.49 1.64
CA LYS B 76 28.72 -3.48 0.62
C LYS B 76 28.02 -2.29 1.25
N TRP B 77 27.04 -2.56 2.11
CA TRP B 77 26.28 -1.51 2.77
C TRP B 77 27.17 -0.65 3.67
N LYS B 78 28.05 -1.31 4.44
CA LYS B 78 29.01 -0.64 5.30
C LYS B 78 29.90 0.33 4.50
N PHE B 79 30.38 -0.11 3.34
CA PHE B 79 31.20 0.75 2.49
C PHE B 79 30.42 2.01 2.12
N ALA B 80 29.15 1.84 1.73
CA ALA B 80 28.32 2.97 1.34
C ALA B 80 28.21 3.98 2.48
N VAL B 81 27.90 3.48 3.69
CA VAL B 81 27.51 4.38 4.78
C VAL B 81 28.72 5.06 5.41
N GLN B 82 29.97 4.64 5.08
CA GLN B 82 31.12 5.39 5.57
C GLN B 82 31.29 6.66 4.71
N ASN B 83 30.50 6.79 3.63
CA ASN B 83 30.57 7.98 2.78
C ASN B 83 29.39 8.91 3.06
N PRO B 84 29.60 10.25 3.04
CA PRO B 84 28.52 11.21 3.26
C PRO B 84 27.38 11.09 2.24
N GLY B 85 26.16 11.37 2.73
CA GLY B 85 24.95 11.30 1.92
C GLY B 85 24.75 12.56 1.08
N PRO B 86 23.62 12.68 0.34
CA PRO B 86 22.61 11.64 0.29
C PRO B 86 23.11 10.37 -0.39
N ARG B 87 22.43 9.25 -0.10
CA ARG B 87 22.76 7.97 -0.70
C ARG B 87 21.54 7.45 -1.44
N TYR B 88 21.80 6.57 -2.42
CA TYR B 88 20.75 5.96 -3.24
C TYR B 88 20.81 4.44 -3.15
N PHE B 89 19.62 3.84 -3.30
CA PHE B 89 19.48 2.39 -3.32
C PHE B 89 18.88 1.98 -4.66
N ILE B 90 19.54 1.02 -5.34
CA ILE B 90 19.08 0.56 -6.64
C ILE B 90 18.89 -0.96 -6.59
N CYS B 91 17.68 -1.39 -6.98
CA CYS B 91 17.36 -2.78 -7.23
C CYS B 91 17.58 -3.08 -8.71
N ASN B 92 18.51 -3.98 -8.97
CA ASN B 92 18.85 -4.39 -10.33
C ASN B 92 17.93 -5.53 -10.77
N ALA B 93 16.99 -5.19 -11.65
CA ALA B 93 16.06 -6.15 -12.20
C ALA B 93 16.24 -6.23 -13.72
N ASP B 94 17.50 -6.15 -14.19
CA ASP B 94 17.76 -6.15 -15.62
C ASP B 94 17.79 -7.58 -16.20
N GLU B 95 17.96 -8.57 -15.33
CA GLU B 95 18.04 -10.00 -15.65
C GLU B 95 17.89 -10.27 -17.16
N SER B 96 19.04 -10.41 -17.84
CA SER B 96 19.06 -10.60 -19.29
C SER B 96 20.09 -11.63 -19.73
N GLU B 97 20.78 -12.29 -18.78
CA GLU B 97 21.72 -13.32 -19.15
C GLU B 97 21.00 -14.57 -19.63
N PRO B 98 21.43 -15.20 -20.76
CA PRO B 98 20.83 -16.46 -21.22
C PRO B 98 20.66 -17.51 -20.12
N GLY B 99 19.45 -18.06 -20.04
CA GLY B 99 19.10 -19.10 -19.08
C GLY B 99 18.54 -18.56 -17.77
N THR B 100 18.64 -17.23 -17.56
CA THR B 100 18.36 -16.69 -16.23
C THR B 100 16.97 -16.08 -16.18
N PHE B 101 16.10 -16.68 -15.35
CA PHE B 101 14.72 -16.23 -15.22
C PHE B 101 14.23 -16.34 -13.77
N LYS B 102 15.16 -16.29 -12.81
CA LYS B 102 14.87 -16.44 -11.39
C LYS B 102 14.23 -15.17 -10.81
N ASP B 103 14.72 -13.98 -11.20
CA ASP B 103 14.29 -12.74 -10.56
C ASP B 103 12.85 -12.39 -10.96
N ARG B 104 12.47 -12.75 -12.19
CA ARG B 104 11.17 -12.31 -12.70
C ARG B 104 10.03 -12.94 -11.90
N ILE B 105 10.22 -14.17 -11.39
CA ILE B 105 9.10 -14.82 -10.73
C ILE B 105 8.83 -14.16 -9.37
N ILE B 106 9.86 -13.59 -8.73
CA ILE B 106 9.66 -12.80 -7.52
C ILE B 106 8.88 -11.54 -7.90
N ILE B 107 9.38 -10.82 -8.92
CA ILE B 107 8.79 -9.56 -9.34
C ILE B 107 7.32 -9.76 -9.70
N GLU B 108 7.02 -10.78 -10.49
CA GLU B 108 5.72 -10.91 -11.13
C GLU B 108 4.70 -11.58 -10.20
N ARG B 109 5.16 -12.34 -9.19
CA ARG B 109 4.27 -13.13 -8.36
C ARG B 109 4.23 -12.64 -6.91
N ASP B 110 5.33 -12.08 -6.40
CA ASP B 110 5.39 -11.68 -5.01
C ASP B 110 6.09 -10.32 -4.91
N PRO B 111 5.63 -9.30 -5.64
CA PRO B 111 6.31 -8.00 -5.69
C PRO B 111 6.54 -7.37 -4.32
N HIS B 112 5.64 -7.63 -3.36
CA HIS B 112 5.75 -7.03 -2.03
C HIS B 112 6.96 -7.59 -1.28
N LEU B 113 7.37 -8.84 -1.57
CA LEU B 113 8.58 -9.35 -0.95
C LEU B 113 9.77 -8.48 -1.34
N LEU B 114 9.87 -8.15 -2.64
CA LEU B 114 10.93 -7.31 -3.13
C LEU B 114 10.81 -5.91 -2.54
N ILE B 115 9.60 -5.35 -2.56
CA ILE B 115 9.39 -3.98 -2.12
C ILE B 115 9.77 -3.85 -0.65
N GLU B 116 9.32 -4.80 0.18
CA GLU B 116 9.64 -4.81 1.60
C GLU B 116 11.16 -4.83 1.78
N GLY B 117 11.83 -5.68 0.99
CA GLY B 117 13.28 -5.75 1.01
C GLY B 117 13.95 -4.42 0.68
N ILE B 118 13.41 -3.74 -0.33
CA ILE B 118 13.96 -2.47 -0.77
C ILE B 118 13.81 -1.42 0.33
N ILE B 119 12.67 -1.45 1.04
CA ILE B 119 12.40 -0.41 2.03
C ILE B 119 13.37 -0.58 3.19
N ILE B 120 13.53 -1.83 3.65
CA ILE B 120 14.43 -2.13 4.75
C ILE B 120 15.86 -1.74 4.37
N SER B 121 16.33 -2.15 3.18
CA SER B 121 17.70 -1.88 2.74
C SER B 121 17.96 -0.38 2.66
N SER B 122 16.99 0.38 2.14
CA SER B 122 17.13 1.82 1.96
C SER B 122 17.25 2.49 3.32
N TYR B 123 16.40 2.07 4.27
CA TYR B 123 16.46 2.57 5.63
C TYR B 123 17.85 2.29 6.21
N ALA B 124 18.35 1.07 6.02
CA ALA B 124 19.66 0.64 6.53
C ALA B 124 20.78 1.57 6.05
N ILE B 125 20.76 2.01 4.78
CA ILE B 125 21.86 2.82 4.27
C ILE B 125 21.52 4.31 4.22
N GLY B 126 20.34 4.69 4.72
CA GLY B 126 19.96 6.10 4.78
C GLY B 126 19.54 6.68 3.43
N ALA B 127 19.10 5.83 2.48
CA ALA B 127 18.63 6.31 1.19
C ALA B 127 17.14 6.67 1.31
N ASN B 128 16.77 7.87 0.83
CA ASN B 128 15.39 8.31 0.82
C ASN B 128 14.79 8.21 -0.57
N GLU B 129 15.60 7.78 -1.55
CA GLU B 129 15.15 7.60 -2.91
C GLU B 129 15.75 6.30 -3.41
N ALA B 130 14.90 5.40 -3.91
CA ALA B 130 15.33 4.10 -4.40
C ALA B 130 14.78 3.89 -5.81
N TYR B 131 15.43 3.00 -6.56
CA TYR B 131 15.03 2.69 -7.92
C TYR B 131 14.95 1.19 -8.12
N ILE B 132 13.98 0.77 -8.93
CA ILE B 132 14.03 -0.52 -9.56
C ILE B 132 14.29 -0.26 -11.05
N TYR B 133 15.39 -0.81 -11.55
CA TYR B 133 15.66 -0.78 -12.97
C TYR B 133 15.31 -2.16 -13.53
N ILE B 134 14.22 -2.23 -14.31
CA ILE B 134 13.72 -3.49 -14.82
C ILE B 134 13.86 -3.48 -16.34
N ARG B 135 14.32 -4.61 -16.90
CA ARG B 135 14.54 -4.69 -18.33
C ARG B 135 13.23 -4.38 -19.06
N GLY B 136 13.38 -3.79 -20.25
CA GLY B 136 12.27 -3.39 -21.09
C GLY B 136 11.39 -4.55 -21.53
N GLU B 137 11.98 -5.75 -21.63
CA GLU B 137 11.27 -6.93 -22.12
C GLU B 137 10.49 -7.63 -20.99
N TYR B 138 10.42 -7.02 -19.79
CA TYR B 138 9.56 -7.47 -18.71
C TYR B 138 8.46 -6.43 -18.49
N PRO B 139 7.59 -6.15 -19.48
CA PRO B 139 6.56 -5.14 -19.30
C PRO B 139 5.56 -5.49 -18.21
N ALA B 140 5.21 -6.78 -18.08
CA ALA B 140 4.25 -7.19 -17.07
C ALA B 140 4.82 -6.92 -15.68
N GLY B 141 6.10 -7.28 -15.49
CA GLY B 141 6.78 -7.02 -14.24
C GLY B 141 6.79 -5.53 -13.91
N TYR B 142 6.92 -4.68 -14.94
CA TYR B 142 6.91 -3.24 -14.74
C TYR B 142 5.53 -2.79 -14.22
N TYR B 143 4.45 -3.22 -14.86
CA TYR B 143 3.10 -2.81 -14.44
C TYR B 143 2.76 -3.37 -13.07
N ILE B 144 3.17 -4.61 -12.81
CA ILE B 144 2.89 -5.26 -11.54
C ILE B 144 3.57 -4.49 -10.40
N LEU B 145 4.82 -4.05 -10.61
CA LEU B 145 5.56 -3.33 -9.59
C LEU B 145 4.94 -1.95 -9.34
N ARG B 146 4.60 -1.22 -10.41
CA ARG B 146 3.98 0.10 -10.27
C ARG B 146 2.74 0.02 -9.38
N ASP B 147 1.89 -0.97 -9.65
CA ASP B 147 0.65 -1.21 -8.92
C ASP B 147 0.95 -1.57 -7.46
N ALA B 148 1.93 -2.47 -7.25
CA ALA B 148 2.29 -2.89 -5.92
C ALA B 148 2.85 -1.72 -5.10
N ILE B 149 3.62 -0.84 -5.75
CA ILE B 149 4.14 0.32 -5.04
C ILE B 149 2.97 1.20 -4.59
N GLU B 150 1.95 1.36 -5.44
CA GLU B 150 0.79 2.14 -5.07
C GLU B 150 0.07 1.52 -3.85
N GLU B 151 -0.04 0.18 -3.83
CA GLU B 151 -0.61 -0.51 -2.69
C GLU B 151 0.15 -0.19 -1.41
N ALA B 152 1.48 -0.26 -1.47
CA ALA B 152 2.34 -0.03 -0.32
C ALA B 152 2.15 1.40 0.18
N LYS B 153 2.03 2.35 -0.75
CA LYS B 153 1.77 3.74 -0.40
C LYS B 153 0.45 3.85 0.34
N LYS B 154 -0.60 3.22 -0.20
CA LYS B 154 -1.94 3.25 0.39
C LYS B 154 -1.90 2.75 1.84
N LYS B 155 -1.06 1.75 2.12
CA LYS B 155 -0.96 1.13 3.43
C LYS B 155 0.10 1.82 4.29
N GLY B 156 0.73 2.88 3.79
CA GLY B 156 1.65 3.69 4.58
C GLY B 156 3.03 3.07 4.76
N PHE B 157 3.44 2.19 3.83
CA PHE B 157 4.76 1.58 3.90
C PHE B 157 5.78 2.39 3.09
N LEU B 158 5.29 3.30 2.22
CA LEU B 158 6.12 4.26 1.49
C LEU B 158 5.58 5.67 1.68
N GLY B 159 6.40 6.65 1.31
CA GLY B 159 6.07 8.06 1.48
C GLY B 159 6.90 8.68 2.59
N LYS B 160 6.40 9.77 3.17
CA LYS B 160 7.11 10.47 4.23
C LYS B 160 6.75 9.88 5.58
N ASN B 161 7.74 9.88 6.48
CA ASN B 161 7.52 9.57 7.88
C ASN B 161 6.79 8.22 7.98
N ILE B 162 7.39 7.19 7.39
CA ILE B 162 6.77 5.88 7.26
C ILE B 162 6.54 5.30 8.64
N LEU B 163 5.25 5.08 8.97
CA LEU B 163 4.81 4.47 10.22
C LEU B 163 5.37 5.23 11.42
N GLY B 164 5.51 6.56 11.28
CA GLY B 164 5.90 7.40 12.39
C GLY B 164 7.39 7.34 12.70
N SER B 165 8.18 6.74 11.79
CA SER B 165 9.58 6.48 12.04
C SER B 165 10.43 7.71 11.75
N GLY B 166 9.89 8.66 10.97
CA GLY B 166 10.68 9.78 10.48
C GLY B 166 11.47 9.43 9.22
N PHE B 167 11.36 8.20 8.74
CA PHE B 167 12.07 7.77 7.54
C PHE B 167 11.20 7.99 6.30
N ASP B 168 11.76 8.68 5.31
CA ASP B 168 11.06 8.99 4.07
C ASP B 168 11.63 8.12 2.94
N LEU B 169 10.74 7.57 2.11
CA LEU B 169 11.19 6.84 0.93
C LEU B 169 10.17 6.90 -0.21
N GLU B 170 10.71 7.14 -1.43
CA GLU B 170 10.01 6.87 -2.69
C GLU B 170 10.83 5.87 -3.51
N ILE B 171 10.11 4.93 -4.14
CA ILE B 171 10.69 3.98 -5.08
C ILE B 171 10.21 4.35 -6.49
N TYR B 172 11.16 4.56 -7.39
CA TYR B 172 10.90 4.89 -8.79
C TYR B 172 11.19 3.64 -9.61
N VAL B 173 10.30 3.31 -10.56
CA VAL B 173 10.52 2.19 -11.46
C VAL B 173 10.93 2.72 -12.84
N ALA B 174 12.15 2.38 -13.24
CA ALA B 174 12.67 2.71 -14.55
C ALA B 174 12.66 1.45 -15.42
N ARG B 175 12.59 1.65 -16.74
CA ARG B 175 12.64 0.53 -17.67
C ARG B 175 13.87 0.65 -18.55
N GLY B 176 14.51 -0.49 -18.81
CA GLY B 176 15.53 -0.66 -19.83
C GLY B 176 14.91 -0.66 -21.23
N ALA B 177 15.74 -0.89 -22.25
CA ALA B 177 15.24 -0.82 -23.62
C ALA B 177 16.09 -1.66 -24.57
N GLY B 178 16.63 -2.80 -24.08
CA GLY B 178 17.16 -3.85 -24.94
C GLY B 178 18.65 -4.16 -24.77
N ALA B 179 19.32 -3.55 -23.79
CA ALA B 179 20.76 -3.68 -23.65
C ALA B 179 21.11 -4.52 -22.43
N TYR B 180 21.73 -5.68 -22.66
CA TYR B 180 22.18 -6.56 -21.58
C TYR B 180 23.18 -5.86 -20.65
N ILE B 181 23.99 -4.98 -21.23
CA ILE B 181 25.06 -4.32 -20.50
C ILE B 181 24.48 -3.40 -19.42
N CYS B 182 23.18 -3.06 -19.49
CA CYS B 182 22.59 -2.19 -18.48
C CYS B 182 22.32 -2.94 -17.18
N GLY B 183 22.60 -4.25 -17.12
CA GLY B 183 22.65 -4.97 -15.87
C GLY B 183 23.99 -4.77 -15.13
N GLU B 184 25.05 -4.39 -15.86
CA GLU B 184 26.30 -4.03 -15.21
C GLU B 184 26.01 -2.75 -14.44
N GLU B 185 26.42 -2.70 -13.17
CA GLU B 185 25.83 -1.73 -12.25
C GLU B 185 26.15 -0.30 -12.66
N THR B 186 27.34 -0.04 -13.24
CA THR B 186 27.69 1.33 -13.62
C THR B 186 26.98 1.74 -14.91
N ALA B 187 26.73 0.80 -15.82
CA ALA B 187 25.95 1.09 -17.02
C ALA B 187 24.48 1.31 -16.64
N LEU B 188 24.02 0.56 -15.64
CA LEU B 188 22.67 0.73 -15.14
C LEU B 188 22.50 2.17 -14.65
N ILE B 189 23.47 2.66 -13.87
CA ILE B 189 23.42 4.00 -13.32
C ILE B 189 23.40 5.04 -14.43
N GLU B 190 24.28 4.89 -15.43
CA GLU B 190 24.29 5.77 -16.59
C GLU B 190 22.90 5.84 -17.25
N SER B 191 22.24 4.69 -17.36
CA SER B 191 20.90 4.60 -17.94
C SER B 191 19.86 5.34 -17.09
N LEU B 192 19.91 5.15 -15.76
CA LEU B 192 19.06 5.89 -14.84
C LEU B 192 19.28 7.41 -14.96
N GLU B 193 20.48 7.82 -15.35
CA GLU B 193 20.80 9.24 -15.51
C GLU B 193 20.37 9.73 -16.89
N GLY B 194 19.76 8.86 -17.71
CA GLY B 194 19.20 9.27 -18.99
C GLY B 194 20.18 9.16 -20.15
N LYS B 195 21.21 8.32 -20.00
CA LYS B 195 22.25 8.20 -21.01
C LYS B 195 22.32 6.78 -21.56
N ARG B 196 23.23 6.60 -22.55
CA ARG B 196 23.59 5.30 -23.05
C ARG B 196 24.18 4.46 -21.91
N GLY B 197 23.98 3.13 -21.98
CA GLY B 197 24.51 2.20 -21.00
C GLY B 197 26.00 1.89 -21.22
N HIS B 198 26.89 2.85 -20.88
CA HIS B 198 28.32 2.66 -20.98
C HIS B 198 28.90 2.47 -19.58
N PRO B 199 29.48 1.29 -19.25
CA PRO B 199 30.12 1.10 -17.95
C PRO B 199 31.20 2.14 -17.65
N ARG B 200 31.32 2.48 -16.37
CA ARG B 200 32.36 3.37 -15.88
C ARG B 200 33.54 2.53 -15.36
N LEU B 201 34.75 3.10 -15.46
CA LEU B 201 35.92 2.54 -14.81
C LEU B 201 35.66 2.39 -13.32
N LYS B 202 35.86 1.17 -12.80
CA LYS B 202 35.80 0.87 -11.37
C LYS B 202 37.19 0.45 -10.89
N PRO B 203 37.70 0.91 -9.73
CA PRO B 203 37.03 1.90 -8.88
C PRO B 203 37.01 3.29 -9.50
N PRO B 204 36.22 4.25 -8.98
CA PRO B 204 35.39 4.04 -7.78
C PRO B 204 34.19 3.12 -7.99
N TYR B 205 33.85 2.40 -6.92
CA TYR B 205 32.63 1.59 -6.89
C TYR B 205 31.44 2.51 -6.63
N PRO B 206 30.23 2.08 -7.05
CA PRO B 206 29.01 2.86 -6.82
C PRO B 206 28.84 3.33 -5.38
N VAL B 207 29.31 2.52 -4.41
CA VAL B 207 29.10 2.83 -3.01
C VAL B 207 29.90 4.07 -2.59
N GLN B 208 30.93 4.41 -3.39
CA GLN B 208 31.66 5.65 -3.23
C GLN B 208 31.11 6.70 -4.17
N LYS B 209 30.95 6.37 -5.45
CA LYS B 209 30.45 7.34 -6.42
C LYS B 209 29.55 6.64 -7.44
N GLY B 210 28.23 6.92 -7.35
CA GLY B 210 27.24 6.23 -8.16
C GLY B 210 26.32 7.19 -8.90
N LEU B 211 25.01 7.09 -8.62
CA LEU B 211 24.00 7.94 -9.22
C LEU B 211 24.22 9.39 -8.79
N TRP B 212 24.36 10.28 -9.78
CA TRP B 212 24.70 11.68 -9.59
C TRP B 212 25.99 11.83 -8.77
N GLY B 213 26.85 10.82 -8.82
CA GLY B 213 28.14 10.84 -8.13
C GLY B 213 28.04 10.57 -6.63
N LYS B 214 26.85 10.22 -6.14
CA LYS B 214 26.59 10.04 -4.71
C LYS B 214 26.74 8.58 -4.34
N PRO B 215 27.01 8.25 -3.04
CA PRO B 215 27.05 6.86 -2.60
C PRO B 215 25.77 6.15 -3.02
N THR B 216 25.94 5.01 -3.69
CA THR B 216 24.85 4.24 -4.25
C THR B 216 25.12 2.75 -4.04
N VAL B 217 24.12 2.04 -3.50
CA VAL B 217 24.16 0.59 -3.38
C VAL B 217 23.32 0.01 -4.51
N VAL B 218 23.92 -0.87 -5.32
CA VAL B 218 23.17 -1.68 -6.26
C VAL B 218 23.12 -3.10 -5.74
N ASN B 219 21.91 -3.68 -5.69
CA ASN B 219 21.74 -5.07 -5.29
C ASN B 219 20.74 -5.73 -6.24
N ASN B 220 20.94 -7.03 -6.44
CA ASN B 220 20.09 -7.86 -7.29
C ASN B 220 18.75 -8.11 -6.59
N VAL B 221 17.69 -8.32 -7.39
CA VAL B 221 16.34 -8.65 -6.93
C VAL B 221 16.39 -9.73 -5.85
N GLU B 222 17.01 -10.88 -6.17
CA GLU B 222 17.03 -12.02 -5.28
C GLU B 222 17.77 -11.68 -3.98
N THR B 223 18.90 -10.97 -4.06
CA THR B 223 19.58 -10.50 -2.86
C THR B 223 18.59 -9.76 -1.95
N ILE B 224 17.87 -8.78 -2.51
CA ILE B 224 17.01 -7.90 -1.72
C ILE B 224 15.87 -8.71 -1.09
N ALA B 225 15.37 -9.71 -1.83
CA ALA B 225 14.27 -10.55 -1.38
C ALA B 225 14.65 -11.38 -0.15
N ASN B 226 15.96 -11.57 0.13
CA ASN B 226 16.38 -12.24 1.36
C ASN B 226 16.23 -11.35 2.59
N VAL B 227 16.27 -10.02 2.41
CA VAL B 227 16.40 -9.10 3.54
C VAL B 227 15.24 -9.24 4.51
N PRO B 228 13.95 -9.31 4.09
CA PRO B 228 12.86 -9.50 5.04
C PRO B 228 12.99 -10.74 5.93
N PHE B 229 13.57 -11.82 5.39
CA PHE B 229 13.75 -13.06 6.13
C PHE B 229 14.80 -12.89 7.23
N ILE B 230 15.91 -12.21 6.93
CA ILE B 230 16.96 -11.96 7.90
C ILE B 230 16.39 -11.19 9.09
N ILE B 231 15.57 -10.16 8.83
CA ILE B 231 15.04 -9.34 9.91
C ILE B 231 13.99 -10.13 10.69
N SER B 232 13.12 -10.84 9.98
CA SER B 232 12.01 -11.58 10.57
C SER B 232 12.51 -12.72 11.45
N MET B 233 13.46 -13.53 10.94
CA MET B 233 13.95 -14.71 11.63
C MET B 233 15.08 -14.34 12.59
N GLY B 234 15.77 -13.23 12.32
CA GLY B 234 17.05 -12.94 12.96
C GLY B 234 18.20 -13.59 12.19
N TRP B 235 19.40 -13.00 12.31
CA TRP B 235 20.52 -13.44 11.48
C TRP B 235 20.95 -14.86 11.84
N GLU B 236 20.85 -15.23 13.12
CA GLU B 236 21.29 -16.54 13.58
C GLU B 236 20.45 -17.65 12.96
N GLU B 237 19.12 -17.50 13.02
CA GLU B 237 18.22 -18.49 12.45
C GLU B 237 18.43 -18.57 10.94
N TYR B 238 18.64 -17.41 10.29
CA TYR B 238 18.84 -17.39 8.85
C TYR B 238 20.12 -18.18 8.51
N ARG B 239 21.19 -17.98 9.29
CA ARG B 239 22.47 -18.63 9.01
C ARG B 239 22.36 -20.13 9.23
N TYR B 240 21.30 -20.58 9.91
CA TYR B 240 21.07 -22.01 10.16
C TYR B 240 20.51 -22.69 8.91
N ILE B 241 20.13 -21.93 7.87
CA ILE B 241 19.61 -22.51 6.64
C ILE B 241 20.76 -22.91 5.72
N GLY B 242 20.78 -24.18 5.29
CA GLY B 242 21.83 -24.67 4.40
C GLY B 242 23.16 -24.77 5.12
N PRO B 243 24.30 -24.82 4.40
CA PRO B 243 25.63 -24.92 5.02
C PRO B 243 26.03 -23.58 5.62
N SER B 244 26.70 -23.61 6.78
CA SER B 244 26.94 -22.41 7.56
C SER B 244 27.90 -21.44 6.84
N ASP B 245 28.62 -21.91 5.82
CA ASP B 245 29.55 -21.05 5.10
C ASP B 245 28.92 -20.46 3.84
N TYR B 246 27.74 -20.98 3.42
CA TYR B 246 26.98 -20.45 2.29
C TYR B 246 25.50 -20.59 2.58
N ALA B 247 25.04 -19.81 3.57
CA ALA B 247 23.75 -20.00 4.19
C ALA B 247 22.65 -19.28 3.40
N GLY B 248 21.41 -19.73 3.64
CA GLY B 248 20.25 -19.07 3.05
C GLY B 248 19.70 -19.83 1.86
N PRO B 249 18.46 -19.47 1.45
CA PRO B 249 17.84 -20.01 0.24
C PRO B 249 18.53 -19.48 -1.01
N LYS B 250 18.49 -20.27 -2.08
CA LYS B 250 18.97 -19.81 -3.38
C LYS B 250 18.01 -20.28 -4.46
N LEU B 251 17.73 -19.40 -5.43
CA LEU B 251 16.92 -19.77 -6.58
C LEU B 251 17.82 -20.30 -7.70
N PHE B 252 17.39 -21.41 -8.30
CA PHE B 252 18.11 -22.01 -9.41
C PHE B 252 17.19 -22.08 -10.62
N PRO B 253 17.41 -21.26 -11.68
CA PRO B 253 16.63 -21.39 -12.92
C PRO B 253 17.25 -22.46 -13.81
N VAL B 254 16.48 -23.53 -14.07
CA VAL B 254 16.91 -24.71 -14.79
C VAL B 254 16.15 -24.79 -16.12
N SER B 255 16.90 -24.94 -17.22
CA SER B 255 16.31 -24.96 -18.55
C SER B 255 17.05 -25.96 -19.45
N GLY B 256 16.58 -26.08 -20.71
CA GLY B 256 17.15 -27.03 -21.66
C GLY B 256 16.57 -28.43 -21.48
N LYS B 257 17.43 -29.46 -21.58
CA LYS B 257 16.99 -30.83 -21.76
C LYS B 257 16.71 -31.55 -20.44
N VAL B 258 15.91 -30.92 -19.56
CA VAL B 258 15.39 -31.53 -18.35
C VAL B 258 13.87 -31.72 -18.49
N LYS B 259 13.31 -32.63 -17.69
CA LYS B 259 11.88 -32.92 -17.75
C LYS B 259 11.07 -31.83 -17.07
N LYS B 260 11.59 -31.25 -15.99
CA LYS B 260 10.85 -30.23 -15.25
C LYS B 260 11.63 -28.92 -15.22
N PRO B 261 11.74 -28.19 -16.35
CA PRO B 261 12.44 -26.90 -16.35
C PRO B 261 11.63 -25.87 -15.55
N GLY B 262 12.33 -25.00 -14.82
CA GLY B 262 11.70 -24.04 -13.92
C GLY B 262 12.69 -23.53 -12.86
N VAL B 263 12.15 -22.86 -11.85
CA VAL B 263 12.95 -22.27 -10.80
C VAL B 263 12.80 -23.11 -9.54
N TYR B 264 13.93 -23.48 -8.93
CA TYR B 264 13.97 -24.29 -7.74
C TYR B 264 14.63 -23.50 -6.61
N GLU B 265 13.92 -23.43 -5.48
CA GLU B 265 14.48 -22.82 -4.28
C GLU B 265 15.05 -23.94 -3.41
N LEU B 266 16.38 -23.94 -3.24
CA LEU B 266 17.12 -25.02 -2.60
C LEU B 266 18.26 -24.43 -1.77
N PRO B 267 18.79 -25.17 -0.77
CA PRO B 267 20.01 -24.74 -0.09
C PRO B 267 21.22 -24.95 -1.00
N MET B 268 22.32 -24.27 -0.68
CA MET B 268 23.44 -24.18 -1.61
C MET B 268 24.41 -25.35 -1.42
N ASN B 269 24.12 -26.27 -0.50
CA ASN B 269 24.85 -27.54 -0.44
C ASN B 269 24.28 -28.58 -1.42
N THR B 270 23.16 -28.26 -2.08
CA THR B 270 22.67 -29.07 -3.19
C THR B 270 23.76 -29.20 -4.26
N THR B 271 23.93 -30.40 -4.83
CA THR B 271 24.87 -30.59 -5.94
C THR B 271 24.18 -30.33 -7.29
N LEU B 272 24.99 -30.04 -8.32
CA LEU B 272 24.48 -29.86 -9.67
C LEU B 272 23.73 -31.12 -10.12
N ARG B 273 24.27 -32.30 -9.79
CA ARG B 273 23.61 -33.55 -10.16
C ARG B 273 22.23 -33.65 -9.52
N GLU B 274 22.11 -33.22 -8.24
CA GLU B 274 20.85 -33.28 -7.54
C GLU B 274 19.85 -32.31 -8.17
N VAL B 275 20.30 -31.12 -8.55
CA VAL B 275 19.42 -30.15 -9.19
C VAL B 275 18.81 -30.77 -10.44
N ILE B 276 19.65 -31.40 -11.27
CA ILE B 276 19.20 -31.98 -12.53
C ILE B 276 18.30 -33.19 -12.28
N PHE B 277 18.76 -34.14 -11.44
CA PHE B 277 18.16 -35.47 -11.41
C PHE B 277 17.19 -35.64 -10.25
N LYS B 278 17.45 -35.00 -9.10
CA LYS B 278 16.59 -35.16 -7.95
C LYS B 278 15.42 -34.18 -8.03
N TYR B 279 15.65 -32.97 -8.53
CA TYR B 279 14.62 -31.94 -8.53
C TYR B 279 14.01 -31.74 -9.91
N ALA B 280 14.82 -31.56 -10.97
CA ALA B 280 14.30 -31.18 -12.28
C ALA B 280 13.82 -32.40 -13.09
N GLY B 281 13.80 -33.58 -12.45
CA GLY B 281 13.17 -34.78 -12.99
C GLY B 281 14.05 -35.55 -13.98
N GLY B 282 15.35 -35.22 -14.05
CA GLY B 282 16.25 -35.89 -14.95
C GLY B 282 16.20 -35.27 -16.35
N THR B 283 16.79 -35.97 -17.33
CA THR B 283 16.92 -35.43 -18.69
C THR B 283 15.72 -35.85 -19.53
N LEU B 284 15.43 -35.06 -20.58
CA LEU B 284 14.50 -35.46 -21.62
C LEU B 284 15.02 -36.73 -22.29
N GLY B 285 14.14 -37.74 -22.41
CA GLY B 285 14.49 -39.00 -23.05
C GLY B 285 15.48 -39.84 -22.24
N ASN B 286 15.77 -39.41 -21.00
CA ASN B 286 16.78 -40.05 -20.17
C ASN B 286 18.09 -40.14 -20.95
N LYS B 287 18.38 -39.14 -21.78
CA LYS B 287 19.66 -39.06 -22.47
C LYS B 287 20.73 -38.64 -21.47
N LYS B 288 21.98 -38.96 -21.79
CA LYS B 288 23.08 -38.62 -20.91
C LYS B 288 23.37 -37.12 -21.01
N VAL B 289 23.72 -36.54 -19.86
CA VAL B 289 24.15 -35.15 -19.79
C VAL B 289 25.51 -35.04 -20.49
N LYS B 290 25.61 -34.08 -21.41
CA LYS B 290 26.86 -33.78 -22.08
C LYS B 290 27.54 -32.60 -21.39
N ALA B 291 26.77 -31.53 -21.19
CA ALA B 291 27.30 -30.31 -20.59
C ALA B 291 26.19 -29.54 -19.92
N VAL B 292 26.61 -28.68 -18.99
CA VAL B 292 25.78 -27.66 -18.38
C VAL B 292 26.44 -26.30 -18.60
N PHE B 293 25.70 -25.37 -19.23
CA PHE B 293 26.12 -23.98 -19.32
C PHE B 293 25.58 -23.20 -18.11
N SER B 294 26.49 -22.62 -17.33
CA SER B 294 26.15 -21.65 -16.30
C SER B 294 25.87 -20.32 -16.99
N GLY B 295 24.63 -20.14 -17.43
CA GLY B 295 24.27 -19.04 -18.30
C GLY B 295 25.23 -18.96 -19.48
N ALA B 296 25.77 -17.76 -19.71
CA ALA B 296 26.80 -17.53 -20.74
C ALA B 296 28.18 -17.38 -20.12
N LEU B 297 28.40 -17.97 -18.93
CA LEU B 297 29.60 -17.73 -18.15
C LEU B 297 30.55 -18.92 -18.18
N ASP B 298 30.07 -20.11 -17.77
CA ASP B 298 30.92 -21.29 -17.63
C ASP B 298 30.24 -22.49 -18.31
N CYS B 299 31.08 -23.48 -18.70
CA CYS B 299 30.63 -24.74 -19.25
C CYS B 299 31.19 -25.88 -18.41
N PHE B 300 30.30 -26.66 -17.79
CA PHE B 300 30.70 -27.80 -16.98
C PHE B 300 30.41 -29.08 -17.77
N SER B 301 31.36 -30.02 -17.73
CA SER B 301 31.19 -31.32 -18.37
C SER B 301 30.42 -32.26 -17.44
N SER B 302 30.07 -33.43 -17.98
CA SER B 302 29.37 -34.45 -17.22
C SER B 302 30.26 -35.02 -16.11
N GLU B 303 31.56 -34.73 -16.15
CA GLU B 303 32.47 -35.17 -15.11
C GLU B 303 32.44 -34.23 -13.91
N GLU B 304 31.74 -33.09 -14.03
CA GLU B 304 31.74 -32.07 -13.01
C GLU B 304 30.37 -31.87 -12.35
N LEU B 305 29.54 -32.92 -12.27
CA LEU B 305 28.16 -32.75 -11.81
C LEU B 305 28.06 -32.83 -10.29
N ASP B 306 29.12 -33.28 -9.60
CA ASP B 306 29.05 -33.45 -8.15
C ASP B 306 29.51 -32.19 -7.39
N ILE B 307 29.65 -31.06 -8.06
CA ILE B 307 30.05 -29.83 -7.40
C ILE B 307 28.86 -29.21 -6.66
N PRO B 308 29.09 -28.54 -5.51
CA PRO B 308 28.03 -27.84 -4.80
C PRO B 308 27.58 -26.58 -5.53
N MET B 309 26.30 -26.21 -5.33
CA MET B 309 25.70 -25.04 -5.97
C MET B 309 25.90 -23.81 -5.08
N ASP B 310 27.18 -23.56 -4.70
CA ASP B 310 27.50 -22.51 -3.74
C ASP B 310 28.50 -21.56 -4.39
N TYR B 311 29.04 -20.64 -3.59
CA TYR B 311 29.95 -19.61 -4.08
C TYR B 311 31.41 -19.94 -3.73
N SER B 312 31.70 -21.23 -3.53
CA SER B 312 33.04 -21.68 -3.19
C SER B 312 33.92 -21.76 -4.45
N PRO B 313 35.26 -21.76 -4.31
CA PRO B 313 36.15 -21.90 -5.48
C PRO B 313 35.82 -23.09 -6.37
N LEU B 314 35.44 -24.24 -5.80
CA LEU B 314 35.16 -25.42 -6.60
C LEU B 314 33.66 -25.53 -6.91
N GLY B 315 32.88 -24.55 -6.46
CA GLY B 315 31.43 -24.59 -6.59
C GLY B 315 30.95 -24.13 -7.96
N PHE B 316 29.63 -24.20 -8.15
CA PHE B 316 29.01 -23.78 -9.40
C PHE B 316 29.17 -22.27 -9.60
N GLY B 317 28.81 -21.51 -8.57
CA GLY B 317 28.86 -20.05 -8.60
C GLY B 317 27.83 -19.41 -9.54
N GLY B 318 28.23 -18.26 -10.09
CA GLY B 318 27.36 -17.43 -10.92
C GLY B 318 26.05 -17.06 -10.22
N THR B 319 24.94 -17.22 -10.96
CA THR B 319 23.62 -16.95 -10.45
C THR B 319 22.87 -18.27 -10.18
N GLY B 320 23.58 -19.40 -10.31
CA GLY B 320 22.98 -20.72 -10.23
C GLY B 320 22.13 -21.07 -11.44
N THR B 321 22.47 -20.48 -12.60
CA THR B 321 21.76 -20.72 -13.85
C THR B 321 22.26 -22.02 -14.49
N VAL B 322 21.30 -22.93 -14.73
CA VAL B 322 21.62 -24.28 -15.17
C VAL B 322 20.90 -24.55 -16.49
N ILE B 323 21.65 -24.49 -17.59
CA ILE B 323 21.19 -24.91 -18.90
C ILE B 323 21.78 -26.28 -19.22
N VAL B 324 20.93 -27.29 -19.43
CA VAL B 324 21.38 -28.66 -19.61
C VAL B 324 21.40 -29.02 -21.10
N LEU B 325 22.55 -29.51 -21.55
CA LEU B 325 22.71 -30.11 -22.88
C LEU B 325 22.93 -31.61 -22.73
N THR B 326 22.30 -32.38 -23.62
CA THR B 326 22.46 -33.83 -23.58
C THR B 326 23.28 -34.27 -24.79
N GLU B 327 23.46 -35.60 -24.88
CA GLU B 327 24.50 -36.24 -25.69
C GLU B 327 24.41 -35.90 -27.18
N GLU B 328 23.22 -35.52 -27.70
CA GLU B 328 23.07 -35.26 -29.12
C GLU B 328 23.22 -33.78 -29.46
N ASP B 329 23.42 -32.93 -28.45
CA ASP B 329 23.51 -31.50 -28.68
C ASP B 329 24.93 -31.17 -29.14
N ASP B 330 25.02 -30.49 -30.29
CA ASP B 330 26.30 -30.11 -30.87
C ASP B 330 26.88 -28.94 -30.07
N ILE B 331 28.06 -29.14 -29.48
CA ILE B 331 28.65 -28.16 -28.57
C ILE B 331 29.14 -26.92 -29.33
N VAL B 332 29.54 -27.10 -30.59
CA VAL B 332 30.00 -25.98 -31.41
C VAL B 332 28.83 -25.09 -31.81
N GLU B 333 27.70 -25.72 -32.14
CA GLU B 333 26.48 -24.98 -32.42
C GLU B 333 26.07 -24.17 -31.19
N ALA B 334 26.21 -24.76 -29.99
CA ALA B 334 25.86 -24.09 -28.74
C ALA B 334 26.82 -22.94 -28.48
N ALA B 335 28.12 -23.17 -28.70
CA ALA B 335 29.13 -22.14 -28.53
C ALA B 335 28.84 -20.96 -29.45
N LEU B 336 28.37 -21.24 -30.67
CA LEU B 336 28.03 -20.17 -31.59
C LEU B 336 26.96 -19.26 -31.01
N LYS B 337 25.95 -19.86 -30.34
CA LYS B 337 24.86 -19.06 -29.78
C LYS B 337 25.38 -18.16 -28.66
N ILE B 338 26.37 -18.64 -27.91
CA ILE B 338 26.96 -17.85 -26.84
C ILE B 338 27.77 -16.70 -27.45
N ALA B 339 28.54 -16.98 -28.52
CA ALA B 339 29.29 -15.95 -29.24
C ALA B 339 28.35 -14.87 -29.78
N GLU B 340 27.22 -15.31 -30.35
CA GLU B 340 26.25 -14.37 -30.91
C GLU B 340 25.74 -13.43 -29.81
N PHE B 341 25.53 -13.94 -28.59
CA PHE B 341 25.07 -13.12 -27.49
C PHE B 341 26.06 -11.99 -27.19
N TYR B 342 27.34 -12.35 -27.00
CA TYR B 342 28.35 -11.35 -26.68
C TYR B 342 28.52 -10.35 -27.85
N GLU B 343 28.48 -10.84 -29.09
CA GLU B 343 28.51 -9.95 -30.25
C GLU B 343 27.42 -8.90 -30.16
N HIS B 344 26.21 -9.32 -29.78
CA HIS B 344 25.05 -8.43 -29.76
C HIS B 344 25.08 -7.45 -28.58
N GLU B 345 25.89 -7.71 -27.54
CA GLU B 345 25.74 -6.99 -26.27
C GLU B 345 26.97 -6.17 -25.86
N THR B 346 28.14 -6.33 -26.50
CA THR B 346 29.24 -5.43 -26.20
C THR B 346 28.82 -3.99 -26.50
N CYS B 347 29.16 -3.06 -25.58
CA CYS B 347 28.82 -1.66 -25.75
C CYS B 347 29.82 -0.94 -26.67
N GLY B 348 31.00 -1.53 -26.89
CA GLY B 348 31.92 -1.03 -27.90
C GLY B 348 32.91 0.02 -27.40
N GLN B 349 32.86 0.42 -26.12
CA GLN B 349 33.78 1.42 -25.60
C GLN B 349 35.23 0.94 -25.72
N CYS B 350 35.46 -0.35 -25.43
CA CYS B 350 36.80 -0.91 -25.40
C CYS B 350 37.06 -1.64 -26.72
N THR B 351 38.26 -1.46 -27.27
CA THR B 351 38.57 -1.93 -28.62
C THR B 351 38.62 -3.46 -28.65
N PRO B 352 39.40 -4.17 -27.80
CA PRO B 352 39.44 -5.62 -27.89
C PRO B 352 38.06 -6.25 -27.64
N CYS B 353 37.28 -5.70 -26.71
CA CYS B 353 35.91 -6.16 -26.53
C CYS B 353 35.09 -5.93 -27.81
N ARG B 354 35.14 -4.71 -28.34
N ARG B 354 35.14 -4.71 -28.35
CA ARG B 354 34.34 -4.31 -29.49
CA ARG B 354 34.32 -4.34 -29.48
C ARG B 354 34.63 -5.24 -30.68
C ARG B 354 34.63 -5.24 -30.68
N VAL B 355 35.91 -5.30 -31.08
CA VAL B 355 36.30 -6.07 -32.26
C VAL B 355 36.32 -7.56 -31.92
N GLY B 356 36.64 -7.92 -30.67
CA GLY B 356 36.76 -9.32 -30.29
C GLY B 356 35.42 -10.04 -30.23
N CYS B 357 34.40 -9.41 -29.64
CA CYS B 357 33.08 -10.02 -29.57
C CYS B 357 32.52 -10.25 -30.99
N TYR B 358 32.70 -9.25 -31.85
CA TYR B 358 32.27 -9.35 -33.24
C TYR B 358 33.01 -10.46 -33.96
N GLU B 359 34.36 -10.44 -33.91
CA GLU B 359 35.16 -11.38 -34.69
C GLU B 359 34.96 -12.81 -34.19
N GLN B 360 34.78 -12.97 -32.87
CA GLN B 360 34.60 -14.29 -32.29
C GLN B 360 33.34 -14.94 -32.88
N ALA B 361 32.24 -14.18 -32.92
CA ALA B 361 30.98 -14.67 -33.51
C ALA B 361 31.12 -14.83 -35.03
N ASN B 362 31.75 -13.86 -35.70
CA ASN B 362 31.83 -13.88 -37.15
C ASN B 362 32.63 -15.10 -37.65
N LEU B 363 33.75 -15.40 -36.99
CA LEU B 363 34.61 -16.50 -37.41
C LEU B 363 34.00 -17.84 -36.98
N LEU B 364 33.36 -17.89 -35.81
CA LEU B 364 32.79 -19.15 -35.36
C LEU B 364 31.61 -19.55 -36.24
N GLU B 365 30.89 -18.56 -36.80
CA GLU B 365 29.84 -18.85 -37.75
C GLU B 365 30.41 -19.51 -39.01
N LYS B 366 31.56 -19.02 -39.47
CA LYS B 366 32.23 -19.58 -40.62
C LYS B 366 32.64 -21.02 -40.34
N ILE B 367 33.24 -21.25 -39.17
CA ILE B 367 33.68 -22.57 -38.73
C ILE B 367 32.48 -23.51 -38.75
N TYR B 368 31.39 -23.08 -38.09
CA TYR B 368 30.21 -23.90 -37.95
C TYR B 368 29.66 -24.28 -39.34
N LYS B 369 29.66 -23.33 -40.27
CA LYS B 369 29.08 -23.57 -41.59
C LYS B 369 30.07 -24.23 -42.56
N GLY B 370 31.27 -24.55 -42.07
CA GLY B 370 32.28 -25.21 -42.88
C GLY B 370 32.83 -24.32 -43.99
N GLU B 371 32.93 -23.00 -43.74
CA GLU B 371 33.47 -22.08 -44.73
C GLU B 371 34.71 -21.36 -44.19
N ALA B 372 35.28 -21.87 -43.09
CA ALA B 372 36.43 -21.24 -42.46
C ALA B 372 37.70 -21.70 -43.17
N THR B 373 38.56 -20.75 -43.50
CA THR B 373 39.92 -21.03 -43.93
C THR B 373 40.77 -21.40 -42.71
N GLU B 374 42.00 -21.84 -42.98
CA GLU B 374 42.96 -22.13 -41.92
C GLU B 374 43.26 -20.86 -41.12
N GLN B 375 43.39 -19.71 -41.84
CA GLN B 375 43.62 -18.44 -41.15
C GLN B 375 42.45 -18.10 -40.22
N ASP B 376 41.21 -18.39 -40.64
CA ASP B 376 40.02 -18.09 -39.86
C ASP B 376 40.01 -18.91 -38.55
N TRP B 377 40.38 -20.20 -38.66
CA TRP B 377 40.53 -21.06 -37.50
C TRP B 377 41.53 -20.47 -36.51
N GLU B 378 42.72 -20.14 -37.01
CA GLU B 378 43.78 -19.61 -36.16
C GLU B 378 43.36 -18.27 -35.58
N GLY B 379 42.63 -17.46 -36.37
CA GLY B 379 42.16 -16.15 -35.95
C GLY B 379 41.10 -16.23 -34.86
N PHE B 380 40.18 -17.18 -35.00
CA PHE B 380 39.17 -17.46 -34.00
C PHE B 380 39.82 -17.77 -32.66
N ASP B 381 40.78 -18.70 -32.68
CA ASP B 381 41.51 -19.07 -31.47
C ASP B 381 42.14 -17.82 -30.83
N PHE B 382 42.87 -17.03 -31.64
CA PHE B 382 43.55 -15.85 -31.13
C PHE B 382 42.55 -14.87 -30.52
N VAL B 383 41.45 -14.61 -31.25
CA VAL B 383 40.49 -13.60 -30.85
C VAL B 383 39.86 -13.99 -29.52
N ASN B 384 39.51 -15.27 -29.39
CA ASN B 384 38.87 -15.79 -28.19
C ASN B 384 39.74 -15.53 -26.96
N ARG B 385 41.06 -15.53 -27.15
CA ARG B 385 42.00 -15.34 -26.05
C ARG B 385 42.30 -13.86 -25.80
N ASN B 386 41.70 -12.97 -26.58
CA ASN B 386 42.18 -11.58 -26.63
C ASN B 386 41.00 -10.61 -26.63
N ILE B 387 39.90 -10.99 -25.96
CA ILE B 387 38.76 -10.08 -25.83
C ILE B 387 38.94 -9.21 -24.59
N GLN B 388 39.58 -9.78 -23.55
CA GLN B 388 39.66 -9.17 -22.23
C GLN B 388 40.56 -7.93 -22.19
N PRO B 389 41.73 -7.87 -22.89
CA PRO B 389 42.67 -6.77 -22.67
C PRO B 389 42.07 -5.36 -22.77
N THR B 390 42.37 -4.55 -21.75
CA THR B 390 41.96 -3.15 -21.61
C THR B 390 40.48 -3.00 -21.22
N SER B 391 39.75 -4.11 -21.09
CA SER B 391 38.32 -4.04 -20.83
C SER B 391 38.03 -3.34 -19.50
N ILE B 392 36.97 -2.51 -19.47
CA ILE B 392 36.67 -1.80 -18.24
C ILE B 392 35.53 -2.46 -17.48
N CYS B 393 34.86 -3.49 -18.03
CA CYS B 393 33.81 -4.18 -17.29
C CYS B 393 33.91 -5.69 -17.51
N GLY B 394 33.05 -6.41 -16.80
CA GLY B 394 33.10 -7.86 -16.71
C GLY B 394 32.75 -8.59 -18.00
N LEU B 395 32.03 -7.92 -18.91
CA LEU B 395 31.61 -8.54 -20.17
C LEU B 395 32.84 -8.91 -21.01
N GLY B 396 33.77 -7.96 -21.18
CA GLY B 396 35.00 -8.22 -21.91
C GLY B 396 35.86 -9.28 -21.23
N ALA B 397 35.80 -9.32 -19.90
CA ALA B 397 36.56 -10.28 -19.11
C ALA B 397 36.09 -11.72 -19.38
N VAL B 398 34.82 -11.94 -19.75
CA VAL B 398 34.26 -13.29 -19.78
C VAL B 398 33.69 -13.65 -21.16
N ALA B 399 33.75 -12.77 -22.16
CA ALA B 399 33.11 -13.05 -23.44
C ALA B 399 33.72 -14.28 -24.13
N GLY B 400 34.97 -14.63 -23.80
CA GLY B 400 35.61 -15.82 -24.36
C GLY B 400 35.60 -17.04 -23.42
N ARG B 401 35.09 -16.89 -22.20
CA ARG B 401 35.35 -17.83 -21.12
C ARG B 401 34.68 -19.18 -21.38
N LEU B 402 33.35 -19.16 -21.57
CA LEU B 402 32.59 -20.39 -21.80
C LEU B 402 33.11 -21.10 -23.04
N ILE B 403 33.37 -20.34 -24.11
CA ILE B 403 33.77 -20.92 -25.39
C ILE B 403 35.14 -21.59 -25.24
N ARG B 404 36.05 -20.96 -24.49
CA ARG B 404 37.36 -21.54 -24.23
C ARG B 404 37.21 -22.87 -23.49
N GLN B 405 36.32 -22.90 -22.50
CA GLN B 405 36.09 -24.12 -21.74
C GLN B 405 35.56 -25.24 -22.64
N THR B 406 34.69 -24.91 -23.61
CA THR B 406 34.23 -25.93 -24.57
C THR B 406 35.39 -26.43 -25.42
N LEU B 407 36.31 -25.54 -25.80
CA LEU B 407 37.46 -25.93 -26.60
C LEU B 407 38.33 -26.90 -25.80
N GLU B 408 38.44 -26.68 -24.48
CA GLU B 408 39.29 -27.52 -23.63
C GLU B 408 38.60 -28.82 -23.26
N LYS B 409 37.27 -28.79 -23.04
CA LYS B 409 36.58 -29.94 -22.48
C LYS B 409 35.97 -30.82 -23.58
N PHE B 410 35.78 -30.29 -24.79
CA PHE B 410 35.20 -31.06 -25.88
C PHE B 410 36.05 -30.94 -27.14
N PRO B 411 37.37 -31.28 -27.08
CA PRO B 411 38.25 -31.14 -28.24
C PRO B 411 37.83 -31.97 -29.46
N GLU B 412 37.31 -33.19 -29.23
CA GLU B 412 36.94 -34.11 -30.30
C GLU B 412 35.92 -33.45 -31.22
N GLU B 413 34.96 -32.74 -30.62
CA GLU B 413 33.86 -32.18 -31.36
C GLU B 413 34.33 -31.00 -32.21
N TRP B 414 35.18 -30.15 -31.62
CA TRP B 414 35.77 -29.03 -32.34
C TRP B 414 36.63 -29.54 -33.50
N GLU B 415 37.39 -30.61 -33.24
CA GLU B 415 38.24 -31.24 -34.24
C GLU B 415 37.43 -31.65 -35.47
N LYS B 416 36.23 -32.21 -35.25
CA LYS B 416 35.34 -32.59 -36.34
C LYS B 416 35.12 -31.42 -37.30
N TYR B 417 35.06 -30.19 -36.78
CA TYR B 417 34.82 -29.01 -37.60
C TYR B 417 36.10 -28.55 -38.32
N ARG B 418 37.26 -29.09 -37.96
CA ARG B 418 38.50 -28.84 -38.69
C ARG B 418 38.90 -30.10 -39.45
N PHE C 6 -6.14 5.21 51.33
CA PHE C 6 -5.52 5.19 49.97
C PHE C 6 -5.03 6.60 49.64
N GLU C 7 -3.93 6.63 48.88
CA GLU C 7 -3.29 7.89 48.47
C GLU C 7 -2.61 7.67 47.13
N PHE C 8 -2.74 8.66 46.22
CA PHE C 8 -2.14 8.59 44.91
C PHE C 8 -0.62 8.78 45.04
N PRO C 9 0.21 7.98 44.34
CA PRO C 9 1.65 8.29 44.22
C PRO C 9 1.84 9.66 43.55
N GLU C 10 2.97 10.31 43.88
CA GLU C 10 3.22 11.71 43.52
C GLU C 10 3.09 11.92 42.01
N GLU C 11 3.70 11.03 41.22
CA GLU C 11 3.80 11.24 39.79
C GLU C 11 2.43 11.20 39.15
N LEU C 12 1.52 10.37 39.66
CA LEU C 12 0.14 10.31 39.19
C LEU C 12 -0.63 11.56 39.64
N LYS C 13 -0.44 11.97 40.90
CA LYS C 13 -1.17 13.12 41.45
C LYS C 13 -0.83 14.38 40.67
N THR C 14 0.47 14.56 40.38
CA THR C 14 0.93 15.65 39.52
C THR C 14 0.13 15.68 38.23
N LYS C 15 -0.05 14.50 37.63
CA LYS C 15 -0.70 14.35 36.34
C LYS C 15 -2.18 14.71 36.45
N LEU C 16 -2.82 14.27 37.55
CA LEU C 16 -4.23 14.56 37.79
C LEU C 16 -4.43 16.07 37.97
N GLN C 17 -3.52 16.73 38.71
CA GLN C 17 -3.58 18.17 38.93
C GLN C 17 -3.48 18.95 37.62
N GLU C 18 -2.66 18.45 36.68
CA GLU C 18 -2.51 19.07 35.38
C GLU C 18 -3.86 19.11 34.66
N HIS C 19 -4.54 17.96 34.61
CA HIS C 19 -5.85 17.86 33.98
C HIS C 19 -6.83 18.80 34.67
N ILE C 20 -6.81 18.80 36.01
CA ILE C 20 -7.74 19.57 36.80
C ILE C 20 -7.51 21.07 36.58
N ASN C 21 -6.27 21.47 36.30
CA ASN C 21 -5.95 22.88 36.06
C ASN C 21 -6.17 23.26 34.58
N TYR C 22 -6.41 22.27 33.71
CA TYR C 22 -6.43 22.47 32.26
C TYR C 22 -7.68 23.23 31.82
N PHE C 23 -8.86 22.74 32.23
CA PHE C 23 -10.12 23.37 31.84
C PHE C 23 -10.43 24.55 32.77
N PRO C 24 -11.36 25.46 32.40
CA PRO C 24 -11.75 26.56 33.28
C PRO C 24 -12.36 26.15 34.62
N LYS C 25 -13.08 25.02 34.67
CA LYS C 25 -13.63 24.51 35.92
C LYS C 25 -13.08 23.11 36.19
N LYS C 26 -12.83 22.82 37.47
CA LYS C 26 -12.13 21.60 37.87
C LYS C 26 -12.88 20.35 37.40
N ARG C 27 -14.21 20.40 37.49
CA ARG C 27 -15.02 19.20 37.36
C ARG C 27 -15.10 18.74 35.91
N GLN C 28 -14.67 19.58 34.96
CA GLN C 28 -14.60 19.19 33.55
C GLN C 28 -13.52 18.15 33.30
N ALA C 29 -12.58 18.00 34.25
CA ALA C 29 -11.42 17.14 34.07
C ALA C 29 -11.70 15.69 34.49
N ILE C 30 -12.94 15.38 34.86
CA ILE C 30 -13.25 14.10 35.52
C ILE C 30 -12.85 12.92 34.63
N LEU C 31 -13.22 12.95 33.34
CA LEU C 31 -12.96 11.82 32.45
C LEU C 31 -11.47 11.70 32.11
N LEU C 32 -10.79 12.83 31.87
CA LEU C 32 -9.35 12.81 31.67
C LEU C 32 -8.67 12.17 32.89
N CYS C 33 -9.12 12.55 34.10
CA CYS C 33 -8.56 12.02 35.33
C CYS C 33 -8.78 10.51 35.44
N LEU C 34 -9.98 10.04 35.14
CA LEU C 34 -10.31 8.62 35.20
C LEU C 34 -9.51 7.81 34.19
N HIS C 35 -9.29 8.34 32.98
CA HIS C 35 -8.42 7.70 31.99
C HIS C 35 -7.00 7.56 32.54
N GLU C 36 -6.50 8.62 33.16
CA GLU C 36 -5.17 8.65 33.71
C GLU C 36 -5.06 7.54 34.76
N ILE C 37 -6.04 7.50 35.67
CA ILE C 37 -6.07 6.52 36.75
C ILE C 37 -6.04 5.12 36.16
N GLN C 38 -6.88 4.86 35.16
CA GLN C 38 -6.98 3.54 34.59
C GLN C 38 -5.69 3.17 33.85
N ASN C 39 -5.10 4.12 33.13
CA ASN C 39 -3.80 3.93 32.51
C ASN C 39 -2.78 3.49 33.56
N TYR C 40 -2.83 4.12 34.75
CA TYR C 40 -1.80 3.93 35.75
C TYR C 40 -1.93 2.56 36.42
N TYR C 41 -3.17 2.17 36.80
CA TYR C 41 -3.37 1.02 37.65
C TYR C 41 -3.72 -0.24 36.84
N GLY C 42 -4.12 -0.08 35.57
CA GLY C 42 -4.64 -1.19 34.79
C GLY C 42 -6.14 -1.41 34.96
N TYR C 43 -6.77 -0.53 35.76
CA TYR C 43 -8.20 -0.52 36.04
C TYR C 43 -8.48 0.70 36.91
N ILE C 44 -9.74 0.89 37.33
CA ILE C 44 -10.09 1.95 38.26
C ILE C 44 -10.17 1.35 39.66
N PRO C 45 -9.21 1.60 40.56
CA PRO C 45 -9.34 1.19 41.96
C PRO C 45 -10.57 1.85 42.61
N PRO C 46 -11.51 1.06 43.19
CA PRO C 46 -12.63 1.63 43.96
C PRO C 46 -12.21 2.66 45.01
N GLU C 47 -11.02 2.47 45.60
CA GLU C 47 -10.51 3.34 46.66
C GLU C 47 -10.03 4.68 46.11
N SER C 48 -9.78 4.75 44.79
CA SER C 48 -9.22 5.95 44.18
C SER C 48 -10.26 7.07 44.08
N LEU C 49 -11.55 6.71 44.13
CA LEU C 49 -12.60 7.63 43.73
C LEU C 49 -12.81 8.70 44.79
N LYS C 50 -12.61 8.35 46.06
CA LYS C 50 -12.82 9.27 47.16
C LYS C 50 -11.79 10.40 47.09
N PRO C 51 -10.47 10.10 46.97
CA PRO C 51 -9.46 11.14 46.75
C PRO C 51 -9.67 11.96 45.47
N LEU C 52 -10.18 11.32 44.41
CA LEU C 52 -10.41 12.02 43.16
C LEU C 52 -11.54 13.04 43.32
N ALA C 53 -12.63 12.60 43.95
CA ALA C 53 -13.75 13.47 44.25
C ALA C 53 -13.29 14.73 44.98
N ASP C 54 -12.42 14.57 45.99
CA ASP C 54 -11.88 15.69 46.74
C ASP C 54 -11.15 16.68 45.82
N MET C 55 -10.33 16.16 44.89
CA MET C 55 -9.55 16.98 43.98
C MET C 55 -10.45 17.71 42.98
N LEU C 56 -11.60 17.12 42.64
CA LEU C 56 -12.53 17.69 41.68
C LEU C 56 -13.54 18.60 42.38
N GLU C 57 -13.54 18.62 43.71
CA GLU C 57 -14.55 19.30 44.51
C GLU C 57 -15.93 18.80 44.11
N LEU C 58 -16.08 17.48 44.00
CA LEU C 58 -17.34 16.83 43.66
C LEU C 58 -17.71 15.83 44.77
N PRO C 59 -19.01 15.51 44.97
CA PRO C 59 -19.39 14.43 45.88
C PRO C 59 -18.91 13.09 45.31
N LEU C 60 -18.66 12.12 46.20
CA LEU C 60 -18.16 10.82 45.79
C LEU C 60 -19.15 10.12 44.88
N ASN C 61 -20.45 10.22 45.18
CA ASN C 61 -21.41 9.41 44.43
C ASN C 61 -21.55 9.96 43.01
N HIS C 62 -21.32 11.27 42.82
CA HIS C 62 -21.24 11.85 41.48
C HIS C 62 -20.16 11.13 40.68
N VAL C 63 -18.98 10.97 41.31
CA VAL C 63 -17.86 10.33 40.66
C VAL C 63 -18.19 8.86 40.39
N GLU C 64 -18.81 8.19 41.38
CA GLU C 64 -19.21 6.80 41.20
C GLU C 64 -20.19 6.69 40.04
N GLY C 65 -21.20 7.56 39.99
CA GLY C 65 -22.15 7.55 38.88
C GLY C 65 -21.46 7.63 37.52
N VAL C 66 -20.42 8.45 37.43
CA VAL C 66 -19.72 8.71 36.17
C VAL C 66 -18.91 7.47 35.77
N VAL C 67 -18.19 6.87 36.72
CA VAL C 67 -17.42 5.66 36.43
C VAL C 67 -18.35 4.57 35.89
N ALA C 68 -19.55 4.45 36.49
CA ALA C 68 -20.49 3.40 36.14
C ALA C 68 -21.06 3.63 34.73
N PHE C 69 -21.25 4.90 34.38
CA PHE C 69 -21.93 5.28 33.14
C PHE C 69 -21.10 4.99 31.90
N TYR C 70 -19.79 5.26 31.98
CA TYR C 70 -18.91 5.31 30.81
C TYR C 70 -18.17 3.97 30.66
N ASP C 71 -18.41 3.30 29.54
CA ASP C 71 -18.08 1.89 29.34
C ASP C 71 -16.57 1.63 29.27
N MET C 72 -15.74 2.63 28.95
CA MET C 72 -14.30 2.40 28.87
C MET C 72 -13.72 2.05 30.24
N PHE C 73 -14.37 2.51 31.32
CA PHE C 73 -13.79 2.36 32.65
C PHE C 73 -14.17 1.00 33.25
N ASP C 74 -13.19 0.37 33.90
CA ASP C 74 -13.30 -0.98 34.41
C ASP C 74 -12.85 -0.93 35.87
N ARG C 75 -13.74 -1.30 36.80
CA ARG C 75 -13.44 -1.35 38.23
C ARG C 75 -13.19 -2.78 38.72
N GLU C 76 -13.33 -3.78 37.83
CA GLU C 76 -13.37 -5.18 38.22
C GLU C 76 -12.02 -5.87 38.03
N ASP C 77 -11.44 -5.70 36.83
CA ASP C 77 -10.30 -6.50 36.43
C ASP C 77 -9.11 -5.61 36.09
N LYS C 78 -7.99 -5.88 36.76
CA LYS C 78 -6.69 -5.33 36.40
C LYS C 78 -6.18 -6.06 35.16
N ALA C 79 -5.71 -5.28 34.17
CA ALA C 79 -5.00 -5.86 33.03
C ALA C 79 -3.95 -4.87 32.55
N LYS C 80 -2.76 -5.38 32.19
CA LYS C 80 -1.71 -4.54 31.64
C LYS C 80 -2.13 -4.04 30.27
N TYR C 81 -2.68 -4.93 29.44
CA TYR C 81 -3.05 -4.60 28.07
C TYR C 81 -4.52 -4.95 27.86
N ARG C 82 -5.32 -3.96 27.45
CA ARG C 82 -6.70 -4.22 27.07
C ARG C 82 -6.78 -4.43 25.57
N ILE C 83 -7.18 -5.64 25.16
CA ILE C 83 -7.45 -5.90 23.76
C ILE C 83 -8.92 -5.61 23.49
N ARG C 84 -9.19 -4.44 22.91
CA ARG C 84 -10.55 -4.04 22.56
C ARG C 84 -10.89 -4.60 21.18
N VAL C 85 -11.88 -5.50 21.14
CA VAL C 85 -12.30 -6.11 19.88
C VAL C 85 -13.68 -5.59 19.50
N CYS C 86 -13.78 -5.01 18.30
CA CYS C 86 -15.05 -4.49 17.81
C CYS C 86 -15.98 -5.65 17.45
N VAL C 87 -17.19 -5.60 17.99
CA VAL C 87 -18.20 -6.63 17.72
C VAL C 87 -19.39 -6.02 16.98
N SER C 88 -19.24 -4.83 16.40
CA SER C 88 -20.35 -4.19 15.69
C SER C 88 -20.45 -4.70 14.25
N ILE C 89 -21.44 -4.19 13.51
CA ILE C 89 -21.94 -4.80 12.29
C ILE C 89 -20.82 -5.01 11.27
N VAL C 90 -19.98 -4.01 11.00
CA VAL C 90 -19.05 -4.13 9.86
C VAL C 90 -17.99 -5.18 10.20
N CYS C 91 -17.40 -5.07 11.39
CA CYS C 91 -16.40 -6.03 11.84
C CYS C 91 -16.98 -7.44 11.91
N HIS C 92 -18.25 -7.56 12.31
CA HIS C 92 -18.88 -8.86 12.37
C HIS C 92 -18.95 -9.47 10.97
N LEU C 93 -19.40 -8.68 9.99
CA LEU C 93 -19.51 -9.10 8.60
C LEU C 93 -18.16 -9.52 8.02
N MET C 94 -17.08 -8.85 8.45
CA MET C 94 -15.78 -9.01 7.82
C MET C 94 -14.87 -9.96 8.61
N GLY C 95 -15.23 -10.31 9.86
CA GLY C 95 -14.60 -11.45 10.51
C GLY C 95 -14.16 -11.24 11.96
N THR C 96 -15.00 -10.60 12.79
CA THR C 96 -14.77 -10.55 14.23
C THR C 96 -14.52 -11.96 14.81
N ASN C 97 -15.29 -12.96 14.37
CA ASN C 97 -15.23 -14.28 14.96
C ASN C 97 -13.89 -14.96 14.67
N LYS C 98 -13.32 -14.70 13.48
CA LYS C 98 -11.98 -15.19 13.15
C LYS C 98 -10.93 -14.56 14.06
N LEU C 99 -11.06 -13.25 14.31
CA LEU C 99 -10.17 -12.55 15.22
C LEU C 99 -10.28 -13.15 16.63
N LEU C 100 -11.50 -13.31 17.15
CA LEU C 100 -11.68 -13.88 18.48
C LEU C 100 -11.11 -15.29 18.58
N LYS C 101 -11.30 -16.09 17.52
CA LYS C 101 -10.82 -17.46 17.45
C LYS C 101 -9.29 -17.47 17.56
N ALA C 102 -8.66 -16.54 16.82
CA ALA C 102 -7.22 -16.39 16.82
C ALA C 102 -6.73 -15.97 18.21
N LEU C 103 -7.46 -15.04 18.86
CA LEU C 103 -7.08 -14.60 20.19
C LEU C 103 -7.16 -15.76 21.17
N GLU C 104 -8.19 -16.60 21.04
CA GLU C 104 -8.31 -17.75 21.92
C GLU C 104 -7.19 -18.76 21.66
N ASN C 105 -6.81 -18.96 20.39
CA ASN C 105 -5.69 -19.84 20.05
C ASN C 105 -4.39 -19.37 20.69
N ILE C 106 -4.12 -18.06 20.67
CA ILE C 106 -2.86 -17.51 21.13
C ILE C 106 -2.85 -17.35 22.64
N LEU C 107 -3.91 -16.77 23.23
CA LEU C 107 -3.88 -16.30 24.60
C LEU C 107 -4.64 -17.24 25.55
N GLY C 108 -5.53 -18.07 25.00
CA GLY C 108 -6.32 -19.01 25.78
C GLY C 108 -7.52 -18.37 26.49
N ILE C 109 -7.94 -17.18 26.04
CA ILE C 109 -9.06 -16.51 26.69
C ILE C 109 -10.07 -16.04 25.66
N LYS C 110 -11.27 -15.73 26.16
CA LYS C 110 -12.44 -15.36 25.39
C LYS C 110 -12.86 -13.96 25.85
N PRO C 111 -13.77 -13.27 25.14
CA PRO C 111 -14.16 -11.92 25.53
C PRO C 111 -14.65 -11.85 26.99
N GLY C 112 -14.20 -10.79 27.69
CA GLY C 112 -14.52 -10.59 29.09
C GLY C 112 -13.50 -11.23 30.04
N GLU C 113 -12.59 -12.08 29.53
CA GLU C 113 -11.66 -12.79 30.40
C GLU C 113 -10.28 -12.11 30.43
N VAL C 114 -9.56 -12.37 31.52
CA VAL C 114 -8.17 -11.94 31.69
C VAL C 114 -7.29 -13.19 31.75
N THR C 115 -6.06 -13.08 31.20
CA THR C 115 -5.09 -14.16 31.32
C THR C 115 -4.65 -14.27 32.77
N PRO C 116 -4.22 -15.46 33.24
CA PRO C 116 -3.86 -15.67 34.65
C PRO C 116 -2.80 -14.71 35.19
N ASP C 117 -1.86 -14.32 34.32
CA ASP C 117 -0.74 -13.47 34.69
C ASP C 117 -1.16 -11.99 34.77
N GLY C 118 -2.39 -11.67 34.35
CA GLY C 118 -2.92 -10.32 34.44
C GLY C 118 -2.50 -9.44 33.26
N LYS C 119 -1.98 -10.08 32.20
CA LYS C 119 -1.30 -9.36 31.14
C LYS C 119 -2.31 -8.84 30.12
N PHE C 120 -3.23 -9.72 29.68
CA PHE C 120 -4.15 -9.39 28.61
C PHE C 120 -5.60 -9.61 29.04
N LYS C 121 -6.46 -8.64 28.74
CA LYS C 121 -7.89 -8.80 28.85
C LYS C 121 -8.56 -8.45 27.52
N ILE C 122 -9.47 -9.31 27.06
CA ILE C 122 -10.24 -9.04 25.85
C ILE C 122 -11.54 -8.34 26.24
N VAL C 123 -11.76 -7.17 25.60
CA VAL C 123 -12.91 -6.33 25.86
C VAL C 123 -13.72 -6.20 24.58
N PRO C 124 -14.97 -6.71 24.53
CA PRO C 124 -15.81 -6.54 23.36
C PRO C 124 -16.29 -5.09 23.37
N VAL C 125 -16.17 -4.40 22.23
CA VAL C 125 -16.58 -3.00 22.15
C VAL C 125 -17.46 -2.78 20.92
N GLN C 126 -18.15 -1.64 20.93
CA GLN C 126 -18.94 -1.19 19.80
C GLN C 126 -17.98 -0.54 18.78
N CYS C 127 -18.52 -0.22 17.59
CA CYS C 127 -17.77 0.28 16.45
C CYS C 127 -16.70 1.28 16.89
N LEU C 128 -15.47 1.02 16.43
CA LEU C 128 -14.27 1.77 16.79
C LEU C 128 -13.96 2.87 15.78
N GLY C 129 -14.83 3.09 14.79
CA GLY C 129 -14.61 4.13 13.82
C GLY C 129 -13.42 3.82 12.90
N ALA C 130 -13.28 2.54 12.50
CA ALA C 130 -12.24 2.13 11.56
C ALA C 130 -12.76 1.03 10.63
N CYS C 131 -14.03 1.16 10.23
CA CYS C 131 -14.80 0.06 9.67
C CYS C 131 -14.25 -0.41 8.33
N SER C 132 -13.63 0.50 7.56
CA SER C 132 -12.96 0.11 6.32
C SER C 132 -11.85 -0.92 6.59
N GLU C 133 -11.31 -0.95 7.81
CA GLU C 133 -10.21 -1.84 8.17
C GLU C 133 -10.69 -3.01 9.02
N ALA C 134 -11.97 -3.34 8.90
CA ALA C 134 -12.57 -4.43 9.66
C ALA C 134 -11.89 -5.75 9.30
N PRO C 135 -11.74 -6.69 10.25
CA PRO C 135 -12.14 -6.49 11.65
C PRO C 135 -11.05 -5.81 12.48
N VAL C 136 -11.47 -4.89 13.35
CA VAL C 136 -10.59 -3.96 14.05
C VAL C 136 -10.41 -4.39 15.51
N PHE C 137 -9.19 -4.14 16.03
CA PHE C 137 -8.93 -4.31 17.44
C PHE C 137 -7.91 -3.27 17.91
N MET C 138 -7.96 -3.01 19.22
CA MET C 138 -6.98 -2.14 19.85
C MET C 138 -6.18 -2.96 20.88
N VAL C 139 -4.93 -2.57 21.10
CA VAL C 139 -4.18 -3.01 22.27
C VAL C 139 -3.77 -1.76 23.04
N ASN C 140 -4.43 -1.51 24.18
CA ASN C 140 -4.40 -0.22 24.83
C ASN C 140 -4.69 0.83 23.75
N ASP C 141 -3.79 1.79 23.52
CA ASP C 141 -4.08 2.90 22.61
C ASP C 141 -3.79 2.56 21.15
N ASP C 142 -3.07 1.46 20.87
CA ASP C 142 -2.70 1.13 19.50
C ASP C 142 -3.87 0.43 18.81
N GLU C 143 -4.13 0.77 17.55
CA GLU C 143 -5.24 0.18 16.83
C GLU C 143 -4.75 -0.50 15.54
N TYR C 144 -5.39 -1.63 15.21
CA TYR C 144 -4.92 -2.49 14.14
C TYR C 144 -6.08 -3.13 13.39
N LYS C 145 -5.84 -3.42 12.11
CA LYS C 145 -6.64 -4.38 11.35
C LYS C 145 -6.08 -5.78 11.55
N PHE C 146 -7.00 -6.73 11.86
CA PHE C 146 -6.67 -8.15 11.92
C PHE C 146 -6.61 -8.71 10.50
N GLU C 147 -5.50 -9.38 10.18
CA GLU C 147 -5.34 -10.03 8.89
C GLU C 147 -5.39 -11.54 9.04
N SER C 148 -4.73 -12.07 10.08
CA SER C 148 -4.56 -13.51 10.24
C SER C 148 -3.96 -13.80 11.60
N GLU C 149 -3.94 -15.07 11.98
CA GLU C 149 -3.40 -15.50 13.27
C GLU C 149 -1.89 -15.27 13.33
N VAL C 150 -1.14 -15.61 12.28
CA VAL C 150 0.31 -15.41 12.29
C VAL C 150 0.61 -13.92 12.46
N GLN C 151 -0.14 -13.06 11.76
CA GLN C 151 0.04 -11.63 11.85
C GLN C 151 -0.27 -11.12 13.26
N LEU C 152 -1.40 -11.57 13.82
CA LEU C 152 -1.83 -11.12 15.14
C LEU C 152 -0.81 -11.55 16.20
N ASN C 153 -0.26 -12.75 16.05
CA ASN C 153 0.66 -13.30 17.04
C ASN C 153 1.90 -12.42 17.16
N GLU C 154 2.39 -11.94 16.01
CA GLU C 154 3.55 -11.05 15.96
C GLU C 154 3.23 -9.68 16.58
N ILE C 155 2.03 -9.14 16.32
CA ILE C 155 1.65 -7.87 16.92
C ILE C 155 1.65 -8.00 18.45
N LEU C 156 1.06 -9.08 18.96
CA LEU C 156 0.87 -9.24 20.39
C LEU C 156 2.23 -9.47 21.07
N SER C 157 3.19 -10.06 20.36
CA SER C 157 4.52 -10.30 20.91
C SER C 157 5.27 -8.98 21.13
N ARG C 158 4.78 -7.87 20.58
CA ARG C 158 5.35 -6.56 20.83
C ARG C 158 5.01 -6.06 22.24
N TYR C 159 4.02 -6.68 22.90
CA TYR C 159 3.57 -6.23 24.21
C TYR C 159 4.08 -7.20 25.27
N THR C 160 5.06 -6.74 26.07
CA THR C 160 5.69 -7.56 27.09
C THR C 160 5.27 -7.15 28.50
N ARG D 2 6.55 13.93 18.50
CA ARG D 2 6.56 12.72 19.36
C ARG D 2 5.96 11.53 18.61
N SER D 3 6.00 10.37 19.25
CA SER D 3 5.35 9.17 18.75
C SER D 3 3.85 9.27 19.05
N TYR D 4 3.01 8.72 18.15
CA TYR D 4 1.59 8.56 18.40
C TYR D 4 1.27 7.06 18.43
N PRO D 5 0.16 6.65 19.09
CA PRO D 5 -0.32 5.27 18.99
C PRO D 5 -0.57 4.88 17.54
N ALA D 6 -0.48 3.57 17.25
CA ALA D 6 -0.74 3.03 15.93
C ALA D 6 -2.19 3.29 15.50
N ILE D 7 -2.34 3.72 14.24
CA ILE D 7 -3.63 3.92 13.59
C ILE D 7 -3.58 3.11 12.30
N PRO D 8 -4.62 2.31 11.97
CA PRO D 8 -4.68 1.65 10.66
C PRO D 8 -4.77 2.69 9.55
N ARG D 9 -4.19 2.37 8.38
CA ARG D 9 -4.05 3.35 7.31
C ARG D 9 -5.26 3.25 6.39
N ILE D 10 -6.32 3.97 6.76
CA ILE D 10 -7.58 3.98 6.02
C ILE D 10 -7.32 4.62 4.67
N TYR D 11 -7.78 3.93 3.61
CA TYR D 11 -7.66 4.45 2.25
C TYR D 11 -8.55 5.68 2.08
N ALA D 12 -8.02 6.71 1.40
CA ALA D 12 -8.78 7.91 1.12
C ALA D 12 -8.50 8.42 -0.30
N GLU D 13 -9.56 8.91 -0.97
CA GLU D 13 -9.53 9.31 -2.37
C GLU D 13 -10.45 10.51 -2.54
N THR D 14 -10.05 11.44 -3.41
CA THR D 14 -10.78 12.68 -3.62
C THR D 14 -10.79 13.02 -5.12
N THR D 15 -11.96 13.49 -5.59
CA THR D 15 -12.06 14.10 -6.90
C THR D 15 -11.99 15.62 -6.79
N LEU D 16 -11.98 16.17 -5.56
CA LEU D 16 -12.13 17.60 -5.38
C LEU D 16 -10.89 18.25 -4.76
N ASN D 17 -10.10 17.48 -4.02
CA ASN D 17 -8.85 17.93 -3.43
C ASN D 17 -9.08 19.11 -2.48
N MET D 18 -10.03 18.94 -1.54
CA MET D 18 -10.31 20.00 -0.60
C MET D 18 -10.05 19.46 0.81
N LEU D 19 -11.04 18.80 1.41
CA LEU D 19 -10.92 18.28 2.77
C LEU D 19 -9.81 17.23 2.84
N LEU D 20 -9.58 16.51 1.73
CA LEU D 20 -8.59 15.46 1.66
C LEU D 20 -7.33 15.84 0.88
N LYS D 21 -7.08 17.14 0.65
N LYS D 21 -7.08 17.15 0.64
CA LYS D 21 -5.91 17.53 -0.13
CA LYS D 21 -5.90 17.54 -0.13
C LYS D 21 -4.65 16.94 0.51
C LYS D 21 -4.65 16.95 0.51
N ARG D 22 -4.56 17.03 1.84
CA ARG D 22 -3.46 16.45 2.60
C ARG D 22 -3.86 15.11 3.22
N ALA D 23 -5.12 14.99 3.67
CA ALA D 23 -5.58 13.82 4.40
C ALA D 23 -5.70 12.60 3.50
N LYS D 24 -5.60 12.77 2.17
CA LYS D 24 -5.54 11.60 1.30
C LYS D 24 -4.25 10.82 1.54
N LYS D 25 -3.25 11.46 2.19
CA LYS D 25 -2.03 10.78 2.59
C LYS D 25 -2.14 10.40 4.07
N PRO D 26 -1.92 9.11 4.41
CA PRO D 26 -2.17 8.62 5.77
C PRO D 26 -1.04 8.90 6.76
N ARG D 27 -0.89 10.18 7.13
CA ARG D 27 0.11 10.60 8.09
C ARG D 27 -0.27 11.97 8.64
N VAL D 28 0.34 12.34 9.76
CA VAL D 28 0.11 13.64 10.36
C VAL D 28 0.79 14.72 9.52
N HIS D 29 0.02 15.72 9.08
CA HIS D 29 0.57 16.90 8.43
C HIS D 29 0.72 18.02 9.47
N SER D 30 1.95 18.45 9.71
CA SER D 30 2.19 19.40 10.79
C SER D 30 2.08 20.83 10.24
N ILE D 31 2.28 21.83 11.11
CA ILE D 31 1.86 23.19 10.79
C ILE D 31 2.69 23.74 9.61
N ASP D 32 3.98 23.40 9.52
CA ASP D 32 4.79 23.91 8.42
C ASP D 32 4.24 23.42 7.08
N GLU D 33 3.84 22.15 6.99
CA GLU D 33 3.26 21.63 5.75
C GLU D 33 1.94 22.32 5.43
N TYR D 34 1.14 22.56 6.48
CA TYR D 34 -0.16 23.20 6.33
C TYR D 34 0.02 24.64 5.85
N LEU D 35 1.03 25.34 6.40
CA LEU D 35 1.34 26.70 6.00
C LEU D 35 1.85 26.77 4.56
N LYS D 36 2.66 25.79 4.14
CA LYS D 36 3.23 25.76 2.79
C LYS D 36 2.11 25.69 1.75
N ASP D 37 1.00 25.02 2.12
CA ASP D 37 -0.19 24.88 1.30
C ASP D 37 -1.16 26.05 1.45
N GLY D 38 -0.71 27.14 2.09
CA GLY D 38 -1.50 28.34 2.19
C GLY D 38 -2.45 28.34 3.39
N GLY D 39 -2.22 27.41 4.33
CA GLY D 39 -3.08 27.29 5.51
C GLY D 39 -2.96 28.53 6.40
N TYR D 40 -4.05 28.83 7.11
CA TYR D 40 -4.18 29.92 8.07
C TYR D 40 -4.32 31.30 7.39
N GLN D 41 -4.34 31.36 6.06
N GLN D 41 -4.33 31.34 6.05
CA GLN D 41 -4.53 32.63 5.37
CA GLN D 41 -4.56 32.58 5.34
C GLN D 41 -6.04 32.92 5.26
C GLN D 41 -6.04 32.92 5.37
N ALA D 42 -6.88 31.88 5.36
CA ALA D 42 -8.31 32.06 5.47
C ALA D 42 -8.66 32.71 6.83
N LEU D 43 -8.00 32.26 7.90
CA LEU D 43 -8.16 32.87 9.22
C LEU D 43 -7.78 34.35 9.17
N GLU D 44 -6.62 34.62 8.59
CA GLU D 44 -6.09 35.96 8.49
C GLU D 44 -7.13 36.84 7.79
N LYS D 45 -7.67 36.34 6.67
CA LYS D 45 -8.69 37.04 5.90
C LYS D 45 -9.97 37.20 6.74
N ALA D 46 -10.34 36.17 7.51
CA ALA D 46 -11.54 36.21 8.33
C ALA D 46 -11.41 37.29 9.40
N LEU D 47 -10.22 37.44 9.99
CA LEU D 47 -10.03 38.39 11.07
C LEU D 47 -10.11 39.82 10.53
N ASN D 48 -9.99 40.01 9.21
CA ASN D 48 -10.19 41.30 8.59
C ASN D 48 -11.65 41.49 8.18
N MET D 49 -12.53 40.59 8.59
CA MET D 49 -13.94 40.67 8.27
C MET D 49 -14.72 40.83 9.57
N SER D 50 -15.94 41.36 9.49
CA SER D 50 -16.84 41.39 10.63
C SER D 50 -17.33 39.97 10.89
N PRO D 51 -17.62 39.59 12.16
CA PRO D 51 -18.31 38.32 12.42
C PRO D 51 -19.55 38.14 11.55
N GLU D 52 -20.34 39.21 11.43
N GLU D 52 -20.37 39.20 11.46
CA GLU D 52 -21.60 39.18 10.70
CA GLU D 52 -21.60 39.21 10.68
C GLU D 52 -21.38 38.83 9.23
C GLU D 52 -21.34 38.77 9.24
N GLU D 53 -20.28 39.30 8.63
CA GLU D 53 -20.00 39.02 7.22
C GLU D 53 -19.63 37.55 7.05
N ILE D 54 -18.85 37.01 8.00
CA ILE D 54 -18.46 35.60 7.97
C ILE D 54 -19.71 34.72 8.05
N ILE D 55 -20.64 35.04 8.97
CA ILE D 55 -21.89 34.30 9.09
C ILE D 55 -22.63 34.33 7.76
N ASP D 56 -22.73 35.53 7.17
CA ASP D 56 -23.41 35.74 5.90
C ASP D 56 -22.82 34.83 4.81
N TRP D 57 -21.49 34.77 4.72
CA TRP D 57 -20.86 33.94 3.69
C TRP D 57 -21.18 32.47 3.91
N VAL D 58 -21.14 32.04 5.18
CA VAL D 58 -21.37 30.64 5.52
C VAL D 58 -22.83 30.28 5.22
N ASP D 59 -23.73 31.23 5.49
CA ASP D 59 -25.14 31.08 5.15
C ASP D 59 -25.30 30.93 3.64
N LYS D 60 -24.68 31.85 2.88
CA LYS D 60 -24.85 31.89 1.42
C LYS D 60 -24.16 30.71 0.76
N SER D 61 -23.22 30.06 1.46
CA SER D 61 -22.53 28.90 0.94
C SER D 61 -23.47 27.70 0.82
N THR D 62 -24.55 27.71 1.61
CA THR D 62 -25.53 26.65 1.73
C THR D 62 -24.98 25.47 2.54
N LEU D 63 -23.82 25.63 3.19
CA LEU D 63 -23.28 24.59 4.05
C LEU D 63 -24.34 24.10 5.04
N ARG D 64 -24.52 22.77 5.09
CA ARG D 64 -25.39 22.11 6.05
C ARG D 64 -24.57 21.19 6.95
N GLY D 65 -25.06 20.99 8.18
CA GLY D 65 -24.47 20.10 9.16
C GLY D 65 -24.10 18.72 8.58
N ARG D 66 -22.89 18.26 8.89
CA ARG D 66 -22.36 17.00 8.39
C ARG D 66 -22.39 15.92 9.49
N GLY D 67 -23.01 16.24 10.63
CA GLY D 67 -23.08 15.29 11.74
C GLY D 67 -24.31 14.39 11.65
N GLY D 68 -25.17 14.61 10.63
CA GLY D 68 -26.25 13.66 10.38
C GLY D 68 -27.59 14.33 10.11
N ALA D 69 -27.82 15.51 10.71
CA ALA D 69 -29.14 16.14 10.65
C ALA D 69 -29.23 17.12 9.47
N GLY D 70 -28.08 17.59 8.97
CA GLY D 70 -28.03 18.46 7.82
C GLY D 70 -28.69 19.82 8.04
N PHE D 71 -28.58 20.38 9.26
CA PHE D 71 -29.12 21.70 9.53
C PHE D 71 -28.24 22.81 8.95
N PRO D 72 -28.81 23.85 8.33
CA PRO D 72 -27.99 24.95 7.78
C PRO D 72 -27.12 25.64 8.83
N THR D 73 -25.82 25.65 8.56
CA THR D 73 -24.80 26.05 9.53
C THR D 73 -24.90 27.54 9.83
N GLY D 74 -25.00 28.34 8.76
CA GLY D 74 -25.11 29.78 8.89
C GLY D 74 -26.31 30.17 9.74
N LYS D 75 -27.45 29.51 9.48
CA LYS D 75 -28.68 29.79 10.21
C LYS D 75 -28.45 29.47 11.68
N LYS D 76 -27.77 28.36 11.97
CA LYS D 76 -27.46 27.98 13.34
C LYS D 76 -26.66 29.08 14.03
N TRP D 77 -25.63 29.60 13.34
CA TRP D 77 -24.77 30.61 13.90
C TRP D 77 -25.54 31.90 14.16
N LYS D 78 -26.42 32.26 13.23
CA LYS D 78 -27.26 33.45 13.35
C LYS D 78 -28.06 33.39 14.63
N PHE D 79 -28.69 32.25 14.89
CA PHE D 79 -29.53 32.08 16.07
C PHE D 79 -28.73 32.34 17.34
N ALA D 80 -27.50 31.84 17.39
CA ALA D 80 -26.68 31.96 18.59
C ALA D 80 -26.39 33.43 18.90
N VAL D 81 -26.03 34.21 17.86
CA VAL D 81 -25.51 35.56 18.04
C VAL D 81 -26.65 36.54 18.34
N GLN D 82 -27.90 36.11 18.14
CA GLN D 82 -29.05 36.90 18.55
C GLN D 82 -29.19 36.84 20.07
N ASN D 83 -28.46 35.95 20.73
CA ASN D 83 -28.55 35.78 22.17
C ASN D 83 -27.32 36.41 22.84
N PRO D 84 -27.48 37.06 24.02
CA PRO D 84 -26.35 37.70 24.68
C PRO D 84 -25.27 36.69 25.07
N GLY D 85 -24.01 37.12 24.93
CA GLY D 85 -22.86 36.32 25.30
C GLY D 85 -22.68 36.23 26.82
N PRO D 86 -21.63 35.54 27.32
CA PRO D 86 -20.62 34.92 26.47
C PRO D 86 -21.20 33.72 25.73
N ARG D 87 -20.55 33.34 24.61
CA ARG D 87 -20.97 32.18 23.84
C ARG D 87 -19.84 31.17 23.77
N TYR D 88 -20.19 29.91 23.50
CA TYR D 88 -19.24 28.81 23.40
C TYR D 88 -19.36 28.14 22.03
N PHE D 89 -18.22 27.67 21.52
CA PHE D 89 -18.16 26.87 20.31
C PHE D 89 -17.64 25.48 20.64
N ILE D 90 -18.32 24.46 20.11
CA ILE D 90 -17.98 23.07 20.35
C ILE D 90 -17.87 22.32 19.03
N CYS D 91 -16.72 21.67 18.85
CA CYS D 91 -16.47 20.76 17.76
C CYS D 91 -16.79 19.34 18.21
N ASN D 92 -17.76 18.72 17.53
CA ASN D 92 -18.22 17.37 17.87
C ASN D 92 -17.40 16.35 17.11
N ALA D 93 -16.47 15.71 17.81
CA ALA D 93 -15.60 14.67 17.26
C ALA D 93 -15.88 13.33 17.96
N ASP D 94 -17.15 13.08 18.31
CA ASP D 94 -17.49 11.87 19.04
C ASP D 94 -17.62 10.67 18.11
N GLU D 95 -17.88 10.92 16.80
CA GLU D 95 -17.99 9.92 15.74
C GLU D 95 -17.96 8.46 16.24
N SER D 96 -19.13 7.92 16.57
CA SER D 96 -19.24 6.57 17.11
C SER D 96 -20.34 5.73 16.44
N GLU D 97 -21.00 6.26 15.40
CA GLU D 97 -22.01 5.47 14.72
C GLU D 97 -21.35 4.38 13.86
N PRO D 98 -21.87 3.13 13.87
CA PRO D 98 -21.36 2.06 13.02
C PRO D 98 -21.22 2.48 11.55
N GLY D 99 -20.05 2.18 11.01
CA GLY D 99 -19.70 2.49 9.62
C GLY D 99 -19.02 3.85 9.46
N THR D 100 -19.08 4.72 10.47
CA THR D 100 -18.67 6.12 10.28
C THR D 100 -17.23 6.34 10.76
N PHE D 101 -16.35 6.72 9.84
CA PHE D 101 -14.93 6.93 10.13
C PHE D 101 -14.37 8.09 9.30
N LYS D 102 -15.25 9.01 8.89
CA LYS D 102 -14.86 10.12 8.04
C LYS D 102 -14.10 11.19 8.84
N ASP D 103 -14.55 11.51 10.05
CA ASP D 103 -14.05 12.67 10.78
C ASP D 103 -12.63 12.41 11.27
N ARG D 104 -12.35 11.16 11.63
CA ARG D 104 -11.04 10.83 12.18
C ARG D 104 -9.92 11.13 11.18
N ILE D 105 -10.16 10.99 9.87
CA ILE D 105 -9.03 11.15 8.95
C ILE D 105 -8.64 12.63 8.84
N ILE D 106 -9.61 13.54 9.02
CA ILE D 106 -9.28 14.95 9.14
C ILE D 106 -8.50 15.18 10.43
N ILE D 107 -9.05 14.70 11.54
CA ILE D 107 -8.41 14.90 12.84
C ILE D 107 -6.96 14.40 12.81
N GLU D 108 -6.73 13.19 12.29
CA GLU D 108 -5.47 12.50 12.50
C GLU D 108 -4.42 12.91 11.45
N ARG D 109 -4.86 13.43 10.31
CA ARG D 109 -3.95 13.67 9.20
C ARG D 109 -3.78 15.16 8.88
N ASP D 110 -4.83 15.96 9.07
CA ASP D 110 -4.81 17.37 8.73
C ASP D 110 -5.45 18.16 9.86
N PRO D 111 -4.95 18.05 11.11
CA PRO D 111 -5.63 18.69 12.26
C PRO D 111 -5.77 20.21 12.11
N HIS D 112 -4.81 20.85 11.42
CA HIS D 112 -4.84 22.30 11.26
C HIS D 112 -6.05 22.75 10.45
N LEU D 113 -6.56 21.91 9.54
CA LEU D 113 -7.73 22.30 8.79
C LEU D 113 -8.92 22.47 9.73
N LEU D 114 -9.04 21.54 10.68
CA LEU D 114 -10.08 21.60 11.68
C LEU D 114 -9.86 22.79 12.62
N ILE D 115 -8.63 22.93 13.13
CA ILE D 115 -8.31 24.01 14.05
C ILE D 115 -8.61 25.36 13.40
N GLU D 116 -8.19 25.54 12.14
CA GLU D 116 -8.42 26.80 11.46
C GLU D 116 -9.92 27.08 11.38
N GLY D 117 -10.71 26.07 11.05
CA GLY D 117 -12.16 26.20 11.00
C GLY D 117 -12.79 26.58 12.33
N ILE D 118 -12.27 26.02 13.44
CA ILE D 118 -12.77 26.29 14.78
C ILE D 118 -12.51 27.75 15.14
N ILE D 119 -11.31 28.26 14.78
CA ILE D 119 -10.95 29.63 15.11
C ILE D 119 -11.87 30.60 14.36
N ILE D 120 -12.04 30.36 13.05
CA ILE D 120 -12.91 31.21 12.24
C ILE D 120 -14.35 31.16 12.76
N SER D 121 -14.85 29.95 13.03
CA SER D 121 -16.22 29.77 13.50
C SER D 121 -16.40 30.47 14.85
N SER D 122 -15.41 30.31 15.74
CA SER D 122 -15.46 30.90 17.06
C SER D 122 -15.50 32.42 16.97
N TYR D 123 -14.69 32.98 16.07
CA TYR D 123 -14.67 34.42 15.84
C TYR D 123 -16.04 34.89 15.33
N ALA D 124 -16.62 34.12 14.40
CA ALA D 124 -17.90 34.46 13.81
C ALA D 124 -19.00 34.58 14.88
N ILE D 125 -19.00 33.73 15.93
CA ILE D 125 -20.06 33.73 16.93
C ILE D 125 -19.66 34.46 18.22
N GLY D 126 -18.44 34.99 18.24
CA GLY D 126 -17.95 35.74 19.39
C GLY D 126 -17.61 34.84 20.58
N ALA D 127 -17.23 33.58 20.32
CA ALA D 127 -16.81 32.69 21.38
C ALA D 127 -15.30 32.84 21.61
N ASN D 128 -14.90 32.98 22.89
CA ASN D 128 -13.51 33.11 23.28
C ASN D 128 -12.99 31.80 23.87
N GLU D 129 -13.90 30.82 23.98
CA GLU D 129 -13.59 29.52 24.55
C GLU D 129 -14.25 28.47 23.67
N ALA D 130 -13.45 27.55 23.14
CA ALA D 130 -13.96 26.52 22.26
C ALA D 130 -13.48 25.14 22.73
N TYR D 131 -14.23 24.10 22.34
CA TYR D 131 -13.92 22.75 22.76
C TYR D 131 -13.93 21.81 21.57
N ILE D 132 -13.02 20.83 21.63
CA ILE D 132 -13.13 19.62 20.86
C ILE D 132 -13.49 18.50 21.84
N TYR D 133 -14.62 17.84 21.59
CA TYR D 133 -14.98 16.64 22.32
C TYR D 133 -14.75 15.43 21.41
N ILE D 134 -13.68 14.67 21.69
CA ILE D 134 -13.28 13.55 20.87
C ILE D 134 -13.49 12.27 21.67
N ARG D 135 -14.04 11.25 21.01
CA ARG D 135 -14.34 10.00 21.68
C ARG D 135 -13.05 9.42 22.26
N GLY D 136 -13.23 8.66 23.36
CA GLY D 136 -12.15 8.05 24.09
C GLY D 136 -11.36 7.03 23.28
N GLU D 137 -12.00 6.40 22.28
CA GLU D 137 -11.40 5.33 21.49
C GLU D 137 -10.60 5.89 20.31
N TYR D 138 -10.44 7.23 20.27
CA TYR D 138 -9.53 7.89 19.35
C TYR D 138 -8.38 8.53 20.14
N PRO D 139 -7.52 7.75 20.83
CA PRO D 139 -6.44 8.33 21.62
C PRO D 139 -5.37 9.05 20.78
N ALA D 140 -5.05 8.49 19.61
CA ALA D 140 -4.08 9.10 18.71
C ALA D 140 -4.58 10.48 18.26
N GLY D 141 -5.85 10.55 17.86
CA GLY D 141 -6.43 11.81 17.46
C GLY D 141 -6.37 12.87 18.57
N TYR D 142 -6.54 12.41 19.82
CA TYR D 142 -6.47 13.29 20.96
C TYR D 142 -5.08 13.92 21.08
N TYR D 143 -4.03 13.07 21.05
CA TYR D 143 -2.66 13.55 21.21
C TYR D 143 -2.23 14.38 20.01
N ILE D 144 -2.70 14.00 18.81
CA ILE D 144 -2.39 14.75 17.59
C ILE D 144 -2.98 16.15 17.67
N LEU D 145 -4.24 16.26 18.11
CA LEU D 145 -4.88 17.56 18.27
C LEU D 145 -4.19 18.39 19.35
N ARG D 146 -3.86 17.80 20.52
CA ARG D 146 -3.18 18.54 21.56
C ARG D 146 -1.90 19.16 21.02
N ASP D 147 -1.14 18.39 20.25
CA ASP D 147 0.13 18.82 19.69
C ASP D 147 -0.10 19.92 18.66
N ALA D 148 -1.17 19.78 17.83
CA ALA D 148 -1.41 20.76 16.78
C ALA D 148 -1.82 22.09 17.39
N ILE D 149 -2.62 22.04 18.46
CA ILE D 149 -3.06 23.25 19.14
C ILE D 149 -1.83 24.00 19.65
N GLU D 150 -0.87 23.28 20.23
CA GLU D 150 0.35 23.90 20.71
C GLU D 150 1.11 24.54 19.55
N GLU D 151 1.20 23.86 18.40
CA GLU D 151 1.85 24.43 17.22
C GLU D 151 1.21 25.76 16.83
N ALA D 152 -0.15 25.79 16.85
CA ALA D 152 -0.91 26.95 16.44
C ALA D 152 -0.68 28.11 17.40
N LYS D 153 -0.62 27.79 18.71
CA LYS D 153 -0.30 28.75 19.76
C LYS D 153 1.03 29.43 19.45
N LYS D 154 2.05 28.62 19.17
CA LYS D 154 3.40 29.09 18.89
C LYS D 154 3.44 30.00 17.67
N LYS D 155 2.63 29.73 16.65
CA LYS D 155 2.61 30.59 15.47
C LYS D 155 1.64 31.75 15.63
N GLY D 156 1.05 31.89 16.82
CA GLY D 156 0.21 33.04 17.15
C GLY D 156 -1.21 32.97 16.57
N PHE D 157 -1.71 31.76 16.29
CA PHE D 157 -3.06 31.60 15.75
C PHE D 157 -4.08 31.39 16.87
N LEU D 158 -3.61 31.11 18.09
CA LEU D 158 -4.44 31.00 19.28
C LEU D 158 -3.83 31.84 20.38
N GLY D 159 -4.62 32.09 21.43
CA GLY D 159 -4.18 32.90 22.56
C GLY D 159 -4.93 34.23 22.61
N LYS D 160 -4.28 35.22 23.24
CA LYS D 160 -4.88 36.54 23.36
C LYS D 160 -4.51 37.35 22.14
N ASN D 161 -5.48 38.14 21.64
CA ASN D 161 -5.21 39.17 20.64
C ASN D 161 -4.53 38.52 19.44
N ILE D 162 -5.24 37.58 18.82
CA ILE D 162 -4.71 36.77 17.73
C ILE D 162 -4.41 37.68 16.52
N LEU D 163 -3.14 37.70 16.12
CA LEU D 163 -2.64 38.46 15.00
C LEU D 163 -3.09 39.92 15.08
N GLY D 164 -3.09 40.46 16.32
CA GLY D 164 -3.37 41.85 16.56
C GLY D 164 -4.85 42.22 16.35
N SER D 165 -5.73 41.22 16.27
CA SER D 165 -7.14 41.47 15.98
C SER D 165 -7.92 41.91 17.22
N GLY D 166 -7.37 41.67 18.41
CA GLY D 166 -8.12 41.79 19.64
C GLY D 166 -9.06 40.60 19.89
N PHE D 167 -8.99 39.55 19.06
CA PHE D 167 -9.80 38.37 19.31
C PHE D 167 -9.00 37.36 20.12
N ASP D 168 -9.59 36.91 21.24
CA ASP D 168 -8.96 35.93 22.12
C ASP D 168 -9.62 34.56 21.93
N LEU D 169 -8.83 33.49 21.91
CA LEU D 169 -9.40 32.15 21.87
C LEU D 169 -8.45 31.11 22.46
N GLU D 170 -9.04 30.23 23.27
CA GLU D 170 -8.43 28.99 23.72
C GLU D 170 -9.32 27.85 23.24
N ILE D 171 -8.68 26.76 22.76
CA ILE D 171 -9.36 25.53 22.41
C ILE D 171 -8.94 24.44 23.39
N TYR D 172 -9.93 23.87 24.07
CA TYR D 172 -9.72 22.80 25.04
C TYR D 172 -10.13 21.50 24.37
N VAL D 173 -9.37 20.43 24.62
CA VAL D 173 -9.66 19.12 24.08
C VAL D 173 -10.13 18.21 25.23
N ALA D 174 -11.39 17.75 25.11
CA ALA D 174 -11.99 16.82 26.05
C ALA D 174 -12.06 15.44 25.41
N ARG D 175 -12.02 14.39 26.26
CA ARG D 175 -12.17 13.01 25.80
C ARG D 175 -13.45 12.41 26.35
N GLY D 176 -14.17 11.67 25.49
CA GLY D 176 -15.23 10.77 25.89
C GLY D 176 -14.66 9.54 26.59
N ALA D 177 -15.56 8.64 27.03
CA ALA D 177 -15.12 7.45 27.74
C ALA D 177 -16.07 6.27 27.47
N GLY D 178 -16.64 6.21 26.27
CA GLY D 178 -17.24 4.99 25.73
C GLY D 178 -18.75 5.06 25.44
N ALA D 179 -19.33 6.27 25.40
CA ALA D 179 -20.77 6.39 25.25
C ALA D 179 -21.13 7.05 23.92
N TYR D 180 -21.81 6.30 23.04
CA TYR D 180 -22.24 6.84 21.74
C TYR D 180 -23.13 8.07 21.95
N ILE D 181 -23.94 8.05 23.02
CA ILE D 181 -24.93 9.09 23.24
C ILE D 181 -24.25 10.44 23.45
N CYS D 182 -22.98 10.46 23.83
CA CYS D 182 -22.28 11.72 24.04
C CYS D 182 -21.94 12.40 22.71
N GLY D 183 -22.30 11.78 21.58
CA GLY D 183 -22.36 12.48 20.31
C GLY D 183 -23.61 13.35 20.13
N GLU D 184 -24.69 13.02 20.84
CA GLU D 184 -25.85 13.89 20.86
C GLU D 184 -25.44 15.19 21.57
N GLU D 185 -25.71 16.32 20.92
CA GLU D 185 -25.08 17.59 21.30
C GLU D 185 -25.37 17.96 22.77
N THR D 186 -26.57 17.69 23.29
CA THR D 186 -26.89 18.07 24.66
C THR D 186 -26.21 17.13 25.66
N ALA D 187 -26.03 15.85 25.32
CA ALA D 187 -25.34 14.91 26.19
C ALA D 187 -23.84 15.20 26.18
N LEU D 188 -23.33 15.62 25.03
CA LEU D 188 -21.95 16.09 24.89
C LEU D 188 -21.69 17.24 25.88
N ILE D 189 -22.59 18.22 25.90
CA ILE D 189 -22.47 19.37 26.79
C ILE D 189 -22.49 18.91 28.25
N GLU D 190 -23.43 18.03 28.63
CA GLU D 190 -23.47 17.48 29.98
C GLU D 190 -22.13 16.82 30.34
N SER D 191 -21.54 16.06 29.40
CA SER D 191 -20.25 15.40 29.61
C SER D 191 -19.11 16.42 29.77
N LEU D 192 -19.16 17.52 29.00
CA LEU D 192 -18.20 18.61 29.12
C LEU D 192 -18.32 19.32 30.48
N GLU D 193 -19.51 19.26 31.08
CA GLU D 193 -19.75 19.86 32.39
C GLU D 193 -19.42 18.86 33.50
N GLY D 194 -18.89 17.69 33.14
CA GLY D 194 -18.36 16.73 34.10
C GLY D 194 -19.40 15.74 34.60
N LYS D 195 -20.49 15.58 33.83
CA LYS D 195 -21.59 14.72 34.24
C LYS D 195 -21.74 13.53 33.29
N ARG D 196 -22.71 12.67 33.61
CA ARG D 196 -23.11 11.58 32.74
C ARG D 196 -23.73 12.17 31.47
N GLY D 197 -23.60 11.43 30.37
CA GLY D 197 -24.10 11.88 29.08
C GLY D 197 -25.60 11.65 28.93
N HIS D 198 -26.40 12.50 29.60
CA HIS D 198 -27.84 12.41 29.52
C HIS D 198 -28.39 13.54 28.66
N PRO D 199 -28.96 13.26 27.47
CA PRO D 199 -29.58 14.31 26.66
C PRO D 199 -30.63 15.12 27.41
N ARG D 200 -30.67 16.43 27.09
CA ARG D 200 -31.66 17.36 27.61
C ARG D 200 -32.80 17.53 26.61
N LEU D 201 -33.95 17.92 27.14
CA LEU D 201 -35.13 18.32 26.37
C LEU D 201 -34.77 19.48 25.45
N LYS D 202 -35.00 19.29 24.13
CA LYS D 202 -34.85 20.33 23.13
C LYS D 202 -36.22 20.61 22.50
N PRO D 203 -36.64 21.88 22.29
CA PRO D 203 -35.95 23.07 22.77
C PRO D 203 -35.92 23.15 24.30
N PRO D 204 -35.05 24.00 24.91
CA PRO D 204 -34.19 24.91 24.16
C PRO D 204 -33.04 24.24 23.39
N TYR D 205 -32.68 24.82 22.23
CA TYR D 205 -31.52 24.36 21.49
C TYR D 205 -30.27 24.97 22.13
N PRO D 206 -29.08 24.34 21.98
CA PRO D 206 -27.86 24.85 22.60
C PRO D 206 -27.55 26.30 22.26
N VAL D 207 -28.00 26.79 21.09
CA VAL D 207 -27.71 28.14 20.68
C VAL D 207 -28.44 29.14 21.59
N GLN D 208 -29.51 28.68 22.26
CA GLN D 208 -30.19 29.48 23.27
C GLN D 208 -29.58 29.19 24.64
N LYS D 209 -29.51 27.90 25.01
CA LYS D 209 -29.01 27.47 26.32
C LYS D 209 -28.19 26.21 26.13
N GLY D 210 -26.87 26.31 26.35
CA GLY D 210 -25.95 25.20 26.13
C GLY D 210 -25.03 24.97 27.31
N LEU D 211 -23.71 25.13 27.07
CA LEU D 211 -22.70 24.92 28.10
C LEU D 211 -22.81 26.04 29.14
N TRP D 212 -22.97 25.62 30.41
CA TRP D 212 -23.24 26.51 31.53
C TRP D 212 -24.46 27.39 31.25
N GLY D 213 -25.40 26.91 30.43
CA GLY D 213 -26.63 27.63 30.14
C GLY D 213 -26.45 28.79 29.16
N LYS D 214 -25.25 28.93 28.59
CA LYS D 214 -24.92 30.05 27.71
C LYS D 214 -25.13 29.63 26.25
N PRO D 215 -25.36 30.60 25.32
CA PRO D 215 -25.46 30.28 23.90
C PRO D 215 -24.24 29.49 23.42
N THR D 216 -24.52 28.35 22.77
CA THR D 216 -23.49 27.38 22.41
C THR D 216 -23.79 26.80 21.03
N VAL D 217 -22.82 26.91 20.11
CA VAL D 217 -22.90 26.28 18.81
C VAL D 217 -22.15 24.95 18.87
N VAL D 218 -22.84 23.87 18.51
CA VAL D 218 -22.19 22.59 18.31
C VAL D 218 -22.20 22.30 16.82
N ASN D 219 -21.03 21.99 16.27
CA ASN D 219 -20.88 21.57 14.89
C ASN D 219 -19.95 20.36 14.78
N ASN D 220 -20.24 19.52 13.78
CA ASN D 220 -19.47 18.34 13.46
C ASN D 220 -18.11 18.72 12.85
N VAL D 221 -17.09 17.90 13.13
CA VAL D 221 -15.75 18.03 12.55
C VAL D 221 -15.81 18.39 11.06
N GLU D 222 -16.56 17.62 10.27
CA GLU D 222 -16.55 17.78 8.82
C GLU D 222 -17.17 19.13 8.44
N THR D 223 -18.25 19.51 9.13
CA THR D 223 -18.87 20.80 8.91
C THR D 223 -17.82 21.91 9.04
N ILE D 224 -17.09 21.87 10.15
CA ILE D 224 -16.15 22.93 10.51
C ILE D 224 -15.02 23.00 9.47
N ALA D 225 -14.62 21.84 8.94
CA ALA D 225 -13.51 21.74 8.00
C ALA D 225 -13.83 22.42 6.67
N ASN D 226 -15.11 22.65 6.39
CA ASN D 226 -15.52 23.37 5.20
C ASN D 226 -15.28 24.87 5.35
N VAL D 227 -15.22 25.37 6.59
CA VAL D 227 -15.28 26.80 6.82
C VAL D 227 -14.05 27.51 6.23
N PRO D 228 -12.80 27.01 6.40
CA PRO D 228 -11.65 27.68 5.77
C PRO D 228 -11.82 27.86 4.26
N PHE D 229 -12.49 26.89 3.60
CA PHE D 229 -12.67 26.89 2.16
C PHE D 229 -13.64 27.99 1.76
N ILE D 230 -14.75 28.09 2.49
CA ILE D 230 -15.75 29.11 2.23
C ILE D 230 -15.12 30.49 2.30
N ILE D 231 -14.26 30.73 3.30
CA ILE D 231 -13.64 32.04 3.46
C ILE D 231 -12.57 32.24 2.38
N SER D 232 -11.84 31.17 2.06
CA SER D 232 -10.71 31.25 1.15
C SER D 232 -11.18 31.54 -0.27
N MET D 233 -12.16 30.77 -0.77
CA MET D 233 -12.56 30.91 -2.16
C MET D 233 -13.77 31.85 -2.29
N GLY D 234 -14.39 32.23 -1.18
CA GLY D 234 -15.65 32.97 -1.23
C GLY D 234 -16.84 32.04 -1.43
N TRP D 235 -18.03 32.52 -1.07
CA TRP D 235 -19.22 31.67 -1.06
C TRP D 235 -19.69 31.32 -2.46
N GLU D 236 -19.56 32.26 -3.42
CA GLU D 236 -19.95 32.03 -4.80
C GLU D 236 -19.22 30.81 -5.35
N GLU D 237 -17.89 30.79 -5.20
CA GLU D 237 -17.06 29.73 -5.77
C GLU D 237 -17.32 28.40 -5.07
N TYR D 238 -17.61 28.45 -3.76
CA TYR D 238 -17.96 27.25 -3.01
C TYR D 238 -19.27 26.66 -3.56
N ARG D 239 -20.27 27.51 -3.80
CA ARG D 239 -21.55 27.05 -4.33
C ARG D 239 -21.40 26.43 -5.72
N TYR D 240 -20.29 26.72 -6.39
CA TYR D 240 -20.02 26.23 -7.73
C TYR D 240 -19.46 24.81 -7.66
N ILE D 241 -19.17 24.32 -6.44
CA ILE D 241 -18.76 22.94 -6.23
C ILE D 241 -19.98 22.04 -6.11
N GLY D 242 -20.14 21.12 -7.08
CA GLY D 242 -21.23 20.17 -7.04
C GLY D 242 -22.54 20.79 -7.54
N PRO D 243 -23.71 20.21 -7.20
CA PRO D 243 -25.00 20.80 -7.57
C PRO D 243 -25.31 22.06 -6.77
N SER D 244 -25.93 23.05 -7.43
CA SER D 244 -26.19 24.35 -6.82
C SER D 244 -27.14 24.22 -5.62
N ASP D 245 -28.01 23.20 -5.64
CA ASP D 245 -28.87 22.85 -4.53
C ASP D 245 -28.04 22.51 -3.28
N TYR D 246 -27.22 21.46 -3.42
CA TYR D 246 -26.50 20.85 -2.31
C TYR D 246 -25.01 20.93 -2.61
N ALA D 247 -24.45 22.13 -2.41
CA ALA D 247 -23.13 22.44 -2.91
C ALA D 247 -22.09 22.03 -1.88
N GLY D 248 -20.86 21.82 -2.36
CA GLY D 248 -19.73 21.60 -1.49
C GLY D 248 -19.21 20.17 -1.52
N PRO D 249 -17.99 19.95 -1.01
CA PRO D 249 -17.43 18.60 -0.87
C PRO D 249 -18.13 17.86 0.25
N LYS D 250 -18.19 16.53 0.14
CA LYS D 250 -18.75 15.65 1.15
C LYS D 250 -17.88 14.41 1.24
N LEU D 251 -17.62 13.97 2.48
CA LEU D 251 -16.86 12.74 2.73
C LEU D 251 -17.82 11.57 2.88
N PHE D 252 -17.49 10.46 2.21
CA PHE D 252 -18.28 9.25 2.27
C PHE D 252 -17.42 8.11 2.81
N PRO D 253 -17.61 7.67 4.07
CA PRO D 253 -16.94 6.47 4.59
C PRO D 253 -17.65 5.21 4.09
N VAL D 254 -16.94 4.42 3.26
CA VAL D 254 -17.50 3.26 2.59
C VAL D 254 -16.84 1.99 3.15
N SER D 255 -17.66 1.05 3.62
CA SER D 255 -17.16 -0.17 4.24
C SER D 255 -18.02 -1.36 3.85
N GLY D 256 -17.64 -2.55 4.35
CA GLY D 256 -18.33 -3.80 4.04
C GLY D 256 -17.78 -4.43 2.76
N LYS D 257 -18.69 -4.95 1.93
CA LYS D 257 -18.32 -5.84 0.83
C LYS D 257 -17.95 -5.06 -0.43
N VAL D 258 -17.05 -4.07 -0.33
CA VAL D 258 -16.56 -3.35 -1.49
C VAL D 258 -15.07 -3.66 -1.66
N LYS D 259 -14.55 -3.49 -2.88
CA LYS D 259 -13.16 -3.81 -3.15
C LYS D 259 -12.23 -2.77 -2.53
N LYS D 260 -12.66 -1.51 -2.49
CA LYS D 260 -11.83 -0.43 -1.99
C LYS D 260 -12.52 0.31 -0.85
N PRO D 261 -12.65 -0.29 0.35
CA PRO D 261 -13.23 0.40 1.49
C PRO D 261 -12.32 1.56 1.92
N GLY D 262 -12.94 2.68 2.29
CA GLY D 262 -12.21 3.87 2.67
C GLY D 262 -13.10 5.11 2.61
N VAL D 263 -12.47 6.29 2.68
CA VAL D 263 -13.19 7.55 2.68
C VAL D 263 -13.04 8.21 1.30
N TYR D 264 -14.16 8.64 0.72
CA TYR D 264 -14.18 9.26 -0.59
C TYR D 264 -14.71 10.70 -0.48
N GLU D 265 -13.93 11.65 -1.00
CA GLU D 265 -14.40 13.03 -1.10
C GLU D 265 -14.99 13.26 -2.49
N LEU D 266 -16.31 13.49 -2.53
CA LEU D 266 -17.04 13.56 -3.78
C LEU D 266 -18.10 14.66 -3.66
N PRO D 267 -18.62 15.19 -4.80
CA PRO D 267 -19.76 16.09 -4.78
C PRO D 267 -21.05 15.30 -4.54
N MET D 268 -22.11 16.01 -4.13
CA MET D 268 -23.29 15.37 -3.57
C MET D 268 -24.32 15.04 -4.66
N ASN D 269 -23.95 15.26 -5.92
CA ASN D 269 -24.73 14.75 -7.04
C ASN D 269 -24.32 13.32 -7.39
N THR D 270 -23.22 12.81 -6.83
CA THR D 270 -22.85 11.41 -6.99
C THR D 270 -24.00 10.53 -6.52
N THR D 271 -24.27 9.42 -7.24
CA THR D 271 -25.28 8.47 -6.82
C THR D 271 -24.65 7.39 -5.93
N LEU D 272 -25.50 6.67 -5.21
CA LEU D 272 -25.06 5.60 -4.32
C LEU D 272 -24.37 4.52 -5.15
N ARG D 273 -24.94 4.19 -6.32
CA ARG D 273 -24.36 3.22 -7.23
C ARG D 273 -22.95 3.64 -7.67
N GLU D 274 -22.74 4.93 -7.92
CA GLU D 274 -21.44 5.42 -8.36
C GLU D 274 -20.42 5.28 -7.23
N VAL D 275 -20.84 5.57 -5.99
CA VAL D 275 -19.97 5.45 -4.83
C VAL D 275 -19.41 4.03 -4.76
N ILE D 276 -20.30 3.04 -4.88
CA ILE D 276 -19.96 1.64 -4.72
C ILE D 276 -19.16 1.15 -5.93
N PHE D 277 -19.62 1.46 -7.14
CA PHE D 277 -19.09 0.82 -8.34
C PHE D 277 -18.03 1.65 -9.03
N LYS D 278 -18.24 2.97 -9.09
CA LYS D 278 -17.36 3.87 -9.82
C LYS D 278 -16.14 4.17 -8.96
N TYR D 279 -16.36 4.41 -7.66
CA TYR D 279 -15.28 4.88 -6.80
C TYR D 279 -14.75 3.73 -5.92
N ALA D 280 -15.62 2.95 -5.27
CA ALA D 280 -15.16 1.96 -4.31
C ALA D 280 -14.77 0.62 -4.96
N GLY D 281 -14.75 0.55 -6.29
CA GLY D 281 -14.17 -0.57 -7.00
C GLY D 281 -15.13 -1.74 -7.23
N GLY D 282 -16.41 -1.53 -6.88
CA GLY D 282 -17.42 -2.58 -6.96
C GLY D 282 -17.40 -3.47 -5.71
N THR D 283 -18.10 -4.62 -5.80
CA THR D 283 -18.29 -5.52 -4.68
C THR D 283 -17.19 -6.58 -4.63
N LEU D 284 -16.91 -7.09 -3.43
CA LEU D 284 -16.07 -8.25 -3.25
C LEU D 284 -16.69 -9.43 -3.99
N GLY D 285 -15.87 -10.09 -4.82
CA GLY D 285 -16.31 -11.23 -5.60
C GLY D 285 -17.32 -10.86 -6.69
N ASN D 286 -17.48 -9.56 -6.97
CA ASN D 286 -18.48 -9.08 -7.92
C ASN D 286 -19.85 -9.68 -7.63
N LYS D 287 -20.14 -9.95 -6.34
CA LYS D 287 -21.47 -10.39 -5.94
C LYS D 287 -22.44 -9.22 -5.99
N LYS D 288 -23.74 -9.52 -6.15
CA LYS D 288 -24.78 -8.50 -6.22
C LYS D 288 -24.94 -7.82 -4.87
N VAL D 289 -25.19 -6.50 -4.90
CA VAL D 289 -25.54 -5.76 -3.70
C VAL D 289 -26.92 -6.23 -3.25
N LYS D 290 -27.07 -6.49 -1.94
CA LYS D 290 -28.37 -6.82 -1.37
C LYS D 290 -28.94 -5.59 -0.66
N ALA D 291 -28.12 -4.95 0.16
CA ALA D 291 -28.56 -3.79 0.94
C ALA D 291 -27.37 -2.89 1.21
N VAL D 292 -27.67 -1.61 1.42
CA VAL D 292 -26.73 -0.67 2.00
C VAL D 292 -27.32 -0.17 3.32
N PHE D 293 -26.52 -0.27 4.40
CA PHE D 293 -26.88 0.34 5.67
C PHE D 293 -26.25 1.73 5.74
N SER D 294 -27.10 2.76 5.90
CA SER D 294 -26.67 4.12 6.20
C SER D 294 -26.34 4.17 7.68
N GLY D 295 -25.12 3.73 8.04
CA GLY D 295 -24.78 3.55 9.44
C GLY D 295 -25.79 2.63 10.14
N ALA D 296 -26.33 3.10 11.27
CA ALA D 296 -27.36 2.35 11.99
C ALA D 296 -28.73 3.02 11.82
N LEU D 297 -28.90 3.83 10.75
CA LEU D 297 -30.06 4.70 10.60
C LEU D 297 -31.04 4.11 9.59
N ASP D 298 -30.58 3.83 8.36
CA ASP D 298 -31.45 3.42 7.26
C ASP D 298 -30.89 2.18 6.57
N CYS D 299 -31.78 1.46 5.88
CA CYS D 299 -31.40 0.35 5.02
C CYS D 299 -31.99 0.58 3.63
N PHE D 300 -31.10 0.69 2.63
CA PHE D 300 -31.49 0.81 1.24
C PHE D 300 -31.36 -0.55 0.55
N SER D 301 -32.34 -0.88 -0.30
CA SER D 301 -32.33 -2.10 -1.09
C SER D 301 -31.56 -1.86 -2.39
N SER D 302 -31.29 -2.95 -3.11
CA SER D 302 -30.58 -2.88 -4.38
C SER D 302 -31.41 -2.14 -5.44
N GLU D 303 -32.69 -1.89 -5.16
CA GLU D 303 -33.54 -1.13 -6.05
C GLU D 303 -33.42 0.38 -5.80
N GLU D 304 -32.68 0.78 -4.76
CA GLU D 304 -32.60 2.19 -4.38
C GLU D 304 -31.18 2.74 -4.57
N LEU D 305 -30.43 2.21 -5.54
CA LEU D 305 -29.01 2.54 -5.68
C LEU D 305 -28.79 3.82 -6.48
N ASP D 306 -29.82 4.28 -7.20
CA ASP D 306 -29.63 5.39 -8.12
C ASP D 306 -29.91 6.73 -7.44
N ILE D 307 -30.03 6.75 -6.12
CA ILE D 307 -30.37 7.97 -5.41
C ILE D 307 -29.15 8.87 -5.27
N PRO D 308 -29.34 10.20 -5.23
CA PRO D 308 -28.24 11.15 -5.04
C PRO D 308 -27.76 11.16 -3.59
N MET D 309 -26.46 11.40 -3.39
CA MET D 309 -25.87 11.36 -2.06
C MET D 309 -25.96 12.77 -1.45
N ASP D 310 -27.18 13.32 -1.42
CA ASP D 310 -27.42 14.70 -1.02
C ASP D 310 -28.41 14.74 0.15
N TYR D 311 -28.81 15.96 0.53
CA TYR D 311 -29.71 16.18 1.66
C TYR D 311 -31.14 16.39 1.16
N SER D 312 -31.44 15.91 -0.04
CA SER D 312 -32.76 16.04 -0.63
C SER D 312 -33.70 15.02 0.01
N PRO D 313 -35.03 15.17 -0.17
CA PRO D 313 -35.98 14.22 0.42
C PRO D 313 -35.82 12.79 -0.09
N LEU D 314 -35.52 12.63 -1.38
CA LEU D 314 -35.33 11.32 -1.98
C LEU D 314 -33.87 10.86 -1.87
N GLY D 315 -33.00 11.70 -1.33
CA GLY D 315 -31.57 11.45 -1.33
C GLY D 315 -31.12 10.58 -0.15
N PHE D 316 -29.82 10.25 -0.14
CA PHE D 316 -29.25 9.31 0.82
C PHE D 316 -29.29 9.92 2.22
N GLY D 317 -28.80 11.16 2.34
CA GLY D 317 -28.86 11.91 3.58
C GLY D 317 -27.86 11.38 4.61
N GLY D 318 -28.23 11.55 5.90
CA GLY D 318 -27.37 11.11 7.00
C GLY D 318 -25.99 11.74 6.95
N THR D 319 -24.97 10.92 7.25
CA THR D 319 -23.58 11.33 7.23
C THR D 319 -22.88 10.83 5.97
N GLY D 320 -23.63 10.21 5.05
CA GLY D 320 -23.07 9.58 3.87
C GLY D 320 -22.35 8.25 4.17
N THR D 321 -22.71 7.59 5.29
CA THR D 321 -22.06 6.35 5.68
C THR D 321 -22.62 5.21 4.83
N VAL D 322 -21.72 4.45 4.18
CA VAL D 322 -22.13 3.41 3.25
C VAL D 322 -21.51 2.08 3.63
N ILE D 323 -22.35 1.23 4.27
CA ILE D 323 -22.00 -0.14 4.55
C ILE D 323 -22.69 -1.03 3.52
N VAL D 324 -21.91 -1.80 2.77
CA VAL D 324 -22.44 -2.62 1.70
C VAL D 324 -22.54 -4.08 2.14
N LEU D 325 -23.76 -4.64 1.98
CA LEU D 325 -24.01 -6.07 2.12
C LEU D 325 -24.31 -6.67 0.75
N THR D 326 -23.81 -7.88 0.49
CA THR D 326 -24.03 -8.57 -0.77
C THR D 326 -24.95 -9.76 -0.55
N GLU D 327 -25.20 -10.50 -1.64
CA GLU D 327 -26.30 -11.46 -1.75
C GLU D 327 -26.23 -12.58 -0.70
N GLU D 328 -25.04 -12.92 -0.18
CA GLU D 328 -24.95 -14.02 0.77
C GLU D 328 -25.09 -13.57 2.22
N ASP D 329 -25.16 -12.26 2.47
CA ASP D 329 -25.20 -11.73 3.83
C ASP D 329 -26.62 -11.81 4.39
N ASP D 330 -26.75 -12.47 5.55
CA ASP D 330 -28.03 -12.69 6.23
C ASP D 330 -28.52 -11.37 6.81
N ILE D 331 -29.69 -10.89 6.36
CA ILE D 331 -30.20 -9.58 6.77
C ILE D 331 -30.63 -9.61 8.23
N VAL D 332 -31.07 -10.76 8.73
CA VAL D 332 -31.54 -10.87 10.10
C VAL D 332 -30.36 -10.81 11.05
N GLU D 333 -29.28 -11.50 10.68
CA GLU D 333 -28.02 -11.44 11.41
C GLU D 333 -27.50 -10.01 11.48
N ALA D 334 -27.63 -9.26 10.36
CA ALA D 334 -27.18 -7.88 10.30
C ALA D 334 -28.07 -7.00 11.19
N ALA D 335 -29.38 -7.19 11.09
CA ALA D 335 -30.32 -6.46 11.93
C ALA D 335 -30.05 -6.67 13.42
N LEU D 336 -29.71 -7.91 13.81
CA LEU D 336 -29.35 -8.19 15.19
C LEU D 336 -28.16 -7.34 15.63
N LYS D 337 -27.18 -7.11 14.74
CA LYS D 337 -26.02 -6.33 15.14
C LYS D 337 -26.41 -4.88 15.38
N ILE D 338 -27.32 -4.37 14.55
CA ILE D 338 -27.85 -3.02 14.74
C ILE D 338 -28.65 -2.98 16.07
N ALA D 339 -29.51 -3.97 16.33
CA ALA D 339 -30.26 -3.97 17.57
C ALA D 339 -29.31 -3.96 18.77
N GLU D 340 -28.21 -4.73 18.68
CA GLU D 340 -27.25 -4.83 19.77
C GLU D 340 -26.59 -3.48 20.05
N PHE D 341 -26.29 -2.71 18.99
CA PHE D 341 -25.74 -1.36 19.13
C PHE D 341 -26.64 -0.46 19.96
N TYR D 342 -27.93 -0.38 19.59
CA TYR D 342 -28.88 0.47 20.33
C TYR D 342 -29.05 -0.01 21.78
N GLU D 343 -29.10 -1.34 21.99
CA GLU D 343 -29.17 -1.91 23.34
C GLU D 343 -28.00 -1.38 24.19
N HIS D 344 -26.81 -1.29 23.58
CA HIS D 344 -25.60 -0.93 24.31
C HIS D 344 -25.49 0.59 24.52
N GLU D 345 -26.30 1.42 23.83
CA GLU D 345 -26.06 2.85 23.82
C GLU D 345 -27.26 3.70 24.29
N THR D 346 -28.42 3.09 24.58
CA THR D 346 -29.49 3.87 25.22
C THR D 346 -28.99 4.32 26.58
N CYS D 347 -29.24 5.60 26.93
CA CYS D 347 -28.81 6.14 28.20
C CYS D 347 -29.81 5.80 29.31
N GLY D 348 -31.04 5.44 28.91
CA GLY D 348 -32.02 4.87 29.83
C GLY D 348 -32.87 5.89 30.59
N GLN D 349 -32.81 7.19 30.27
CA GLN D 349 -33.68 8.19 30.88
C GLN D 349 -35.15 7.94 30.54
N CYS D 350 -35.38 7.50 29.30
CA CYS D 350 -36.71 7.36 28.73
C CYS D 350 -37.11 5.88 28.75
N THR D 351 -38.33 5.60 29.23
CA THR D 351 -38.73 4.24 29.56
C THR D 351 -38.87 3.43 28.27
N PRO D 352 -39.62 3.88 27.23
CA PRO D 352 -39.76 3.07 26.01
C PRO D 352 -38.41 2.85 25.32
N CYS D 353 -37.52 3.85 25.36
CA CYS D 353 -36.19 3.69 24.80
C CYS D 353 -35.39 2.67 25.62
N ARG D 354 -35.38 2.85 26.94
CA ARG D 354 -34.62 1.99 27.84
C ARG D 354 -35.05 0.53 27.69
N VAL D 355 -36.35 0.25 27.79
CA VAL D 355 -36.84 -1.12 27.78
C VAL D 355 -36.95 -1.61 26.33
N GLY D 356 -37.26 -0.70 25.41
CA GLY D 356 -37.39 -1.04 24.00
C GLY D 356 -36.07 -1.47 23.36
N CYS D 357 -35.00 -0.69 23.53
CA CYS D 357 -33.71 -1.05 22.94
C CYS D 357 -33.23 -2.40 23.47
N TYR D 358 -33.42 -2.63 24.79
CA TYR D 358 -33.06 -3.88 25.42
C TYR D 358 -33.88 -5.06 24.88
N GLU D 359 -35.21 -4.91 24.83
CA GLU D 359 -36.09 -5.99 24.41
C GLU D 359 -35.95 -6.27 22.92
N GLN D 360 -35.72 -5.23 22.11
CA GLN D 360 -35.52 -5.42 20.67
C GLN D 360 -34.36 -6.39 20.44
N ALA D 361 -33.24 -6.14 21.14
CA ALA D 361 -32.04 -6.95 20.98
C ALA D 361 -32.23 -8.33 21.56
N ASN D 362 -32.86 -8.40 22.75
CA ASN D 362 -33.01 -9.64 23.48
C ASN D 362 -33.91 -10.61 22.69
N LEU D 363 -35.00 -10.09 22.12
CA LEU D 363 -35.93 -10.94 21.39
C LEU D 363 -35.38 -11.30 20.01
N LEU D 364 -34.71 -10.35 19.34
CA LEU D 364 -34.19 -10.62 18.00
C LEU D 364 -33.09 -11.68 18.06
N GLU D 365 -32.35 -11.74 19.18
CA GLU D 365 -31.36 -12.79 19.39
C GLU D 365 -32.03 -14.16 19.49
N LYS D 366 -33.18 -14.21 20.19
CA LYS D 366 -33.93 -15.45 20.30
C LYS D 366 -34.41 -15.89 18.92
N ILE D 367 -34.95 -14.93 18.16
CA ILE D 367 -35.45 -15.20 16.82
C ILE D 367 -34.30 -15.80 16.00
N TYR D 368 -33.17 -15.10 16.02
CA TYR D 368 -32.01 -15.45 15.22
C TYR D 368 -31.55 -16.87 15.56
N LYS D 369 -31.52 -17.19 16.86
CA LYS D 369 -31.01 -18.48 17.32
C LYS D 369 -32.06 -19.58 17.21
N GLY D 370 -33.28 -19.24 16.76
CA GLY D 370 -34.33 -20.21 16.54
C GLY D 370 -34.99 -20.65 17.83
N GLU D 371 -35.03 -19.78 18.85
CA GLU D 371 -35.56 -20.13 20.16
C GLU D 371 -36.68 -19.19 20.58
N ALA D 372 -37.26 -18.46 19.63
CA ALA D 372 -38.29 -17.48 19.92
C ALA D 372 -39.66 -18.15 19.86
N THR D 373 -40.50 -17.91 20.88
CA THR D 373 -41.89 -18.36 20.86
C THR D 373 -42.69 -17.49 19.89
N GLU D 374 -43.94 -17.89 19.64
CA GLU D 374 -44.87 -17.04 18.91
C GLU D 374 -44.99 -15.68 19.60
N GLN D 375 -45.11 -15.70 20.94
CA GLN D 375 -45.22 -14.49 21.74
C GLN D 375 -43.97 -13.61 21.60
N ASP D 376 -42.78 -14.25 21.55
CA ASP D 376 -41.53 -13.54 21.36
C ASP D 376 -41.54 -12.80 20.02
N TRP D 377 -42.06 -13.46 18.98
CA TRP D 377 -42.16 -12.90 17.64
C TRP D 377 -43.07 -11.66 17.62
N GLU D 378 -44.30 -11.83 18.12
CA GLU D 378 -45.26 -10.74 18.18
C GLU D 378 -44.74 -9.61 19.07
N GLY D 379 -44.05 -9.99 20.16
CA GLY D 379 -43.44 -9.04 21.08
C GLY D 379 -42.35 -8.19 20.43
N PHE D 380 -41.50 -8.87 19.64
CA PHE D 380 -40.45 -8.21 18.87
C PHE D 380 -41.04 -7.14 17.95
N ASP D 381 -42.06 -7.53 17.19
CA ASP D 381 -42.71 -6.62 16.26
C ASP D 381 -43.21 -5.39 17.02
N PHE D 382 -43.94 -5.64 18.11
CA PHE D 382 -44.52 -4.58 18.92
C PHE D 382 -43.44 -3.63 19.45
N VAL D 383 -42.38 -4.18 20.06
CA VAL D 383 -41.34 -3.39 20.71
C VAL D 383 -40.64 -2.50 19.68
N ASN D 384 -40.36 -3.08 18.50
CA ASN D 384 -39.72 -2.36 17.42
C ASN D 384 -40.50 -1.11 17.04
N ARG D 385 -41.84 -1.19 17.12
CA ARG D 385 -42.69 -0.06 16.78
C ARG D 385 -42.89 0.91 17.95
N ASN D 386 -42.36 0.60 19.15
CA ASN D 386 -42.74 1.36 20.34
C ASN D 386 -41.52 1.73 21.20
N ILE D 387 -40.38 1.99 20.55
CA ILE D 387 -39.19 2.49 21.23
C ILE D 387 -39.28 4.02 21.35
N GLN D 388 -39.92 4.65 20.35
CA GLN D 388 -39.89 6.09 20.15
C GLN D 388 -40.74 6.84 21.19
N PRO D 389 -41.95 6.40 21.62
CA PRO D 389 -42.82 7.26 22.44
C PRO D 389 -42.14 7.84 23.69
N THR D 390 -42.34 9.16 23.90
CA THR D 390 -41.82 9.94 25.03
C THR D 390 -40.31 10.19 24.95
N SER D 391 -39.63 9.67 23.92
CA SER D 391 -38.19 9.85 23.79
C SER D 391 -37.85 11.34 23.70
N ILE D 392 -36.77 11.73 24.39
CA ILE D 392 -36.35 13.12 24.37
C ILE D 392 -35.17 13.36 23.44
N CYS D 393 -34.62 12.31 22.77
CA CYS D 393 -33.56 12.53 21.79
C CYS D 393 -33.71 11.58 20.60
N GLY D 394 -32.84 11.77 19.60
CA GLY D 394 -32.92 11.09 18.32
C GLY D 394 -32.69 9.57 18.40
N LEU D 395 -31.98 9.07 19.42
CA LEU D 395 -31.69 7.63 19.51
C LEU D 395 -32.98 6.84 19.65
N GLY D 396 -33.87 7.28 20.55
CA GLY D 396 -35.15 6.60 20.75
C GLY D 396 -36.01 6.68 19.50
N ALA D 397 -35.93 7.81 18.79
CA ALA D 397 -36.65 8.03 17.54
C ALA D 397 -36.21 7.06 16.44
N VAL D 398 -34.95 6.59 16.43
CA VAL D 398 -34.45 5.86 15.27
C VAL D 398 -34.01 4.44 15.63
N ALA D 399 -34.09 4.05 16.91
CA ALA D 399 -33.54 2.76 17.32
C ALA D 399 -34.23 1.61 16.61
N GLY D 400 -35.48 1.82 16.15
CA GLY D 400 -36.21 0.77 15.43
C GLY D 400 -36.24 0.98 13.91
N ARG D 401 -35.69 2.09 13.42
CA ARG D 401 -35.95 2.57 12.07
C ARG D 401 -35.38 1.59 11.04
N LEU D 402 -34.06 1.36 11.07
CA LEU D 402 -33.40 0.47 10.11
C LEU D 402 -34.01 -0.92 10.16
N ILE D 403 -34.26 -1.43 11.37
CA ILE D 403 -34.73 -2.81 11.50
C ILE D 403 -36.11 -2.96 10.87
N ARG D 404 -36.98 -1.95 11.07
CA ARG D 404 -38.30 -1.92 10.45
C ARG D 404 -38.15 -1.96 8.93
N GLN D 405 -37.22 -1.18 8.38
CA GLN D 405 -37.02 -1.12 6.94
C GLN D 405 -36.60 -2.49 6.39
N THR D 406 -35.78 -3.26 7.15
CA THR D 406 -35.42 -4.61 6.73
C THR D 406 -36.62 -5.54 6.75
N LEU D 407 -37.52 -5.34 7.72
CA LEU D 407 -38.74 -6.12 7.81
C LEU D 407 -39.62 -5.87 6.59
N GLU D 408 -39.66 -4.62 6.12
CA GLU D 408 -40.50 -4.26 4.98
C GLU D 408 -39.85 -4.62 3.65
N LYS D 409 -38.52 -4.50 3.53
CA LYS D 409 -37.86 -4.64 2.24
C LYS D 409 -37.40 -6.09 2.01
N PHE D 410 -37.24 -6.88 3.08
CA PHE D 410 -36.78 -8.25 2.95
C PHE D 410 -37.71 -9.21 3.70
N PRO D 411 -39.03 -9.18 3.42
CA PRO D 411 -40.00 -9.98 4.18
C PRO D 411 -39.78 -11.49 4.06
N GLU D 412 -39.35 -11.92 2.86
CA GLU D 412 -39.11 -13.31 2.57
C GLU D 412 -38.03 -13.89 3.49
N GLU D 413 -37.00 -13.07 3.81
CA GLU D 413 -35.89 -13.53 4.61
C GLU D 413 -36.26 -13.65 6.10
N TRP D 414 -37.05 -12.69 6.61
CA TRP D 414 -37.57 -12.76 7.96
C TRP D 414 -38.52 -13.95 8.10
N GLU D 415 -39.45 -14.08 7.15
CA GLU D 415 -40.43 -15.17 7.15
C GLU D 415 -39.75 -16.53 7.32
N LYS D 416 -38.61 -16.70 6.63
CA LYS D 416 -37.79 -17.89 6.77
C LYS D 416 -37.48 -18.16 8.24
N TYR D 417 -37.23 -17.09 9.02
CA TYR D 417 -36.90 -17.23 10.43
C TYR D 417 -38.14 -17.57 11.27
N ARG D 418 -39.29 -16.97 10.94
CA ARG D 418 -40.53 -17.22 11.65
C ARG D 418 -40.92 -18.70 11.54
N LYS D 419 -40.43 -19.37 10.49
CA LYS D 419 -40.51 -20.81 10.30
C LYS D 419 -41.75 -21.12 9.44
#